data_2O0R
#
_entry.id   2O0R
#
_cell.length_a   54.34
_cell.length_b   56.13
_cell.length_c   247.47
_cell.angle_alpha   90.00
_cell.angle_beta   90.00
_cell.angle_gamma   90.00
#
_symmetry.space_group_name_H-M   'P 2 2 21'
#
loop_
_entity.id
_entity.type
_entity.pdbx_description
1 polymer 'Rv0858c (N-Succinyldiaminopimelate aminotransferase)'
2 non-polymer 'CHLORIDE ION'
3 non-polymer GLYCEROL
4 non-polymer 'SODIUM ION'
5 water water
#
_entity_poly.entity_id   1
_entity_poly.type   'polypeptide(L)'
_entity_poly.pdbx_seq_one_letter_code
;MATVSRLRPYATTVFAEMSALATRIGAVNLGQGFPDEDGPPKMLQAAQDAIAGGVNQYPPGPGSAPLRRAIAAQRRRHFG
VDYDPETEVLVTVGATEAIAAAVLGLVEPGSEVLLIEPFYDSYSPVVAMAGAHRVTVPLVPDGRGFALDADALRRAVTPR
TRALIINSPHNPTGAVLSATELAAIAEIAVAANLVVITDEVYEHLVFDHARHLPLAGFDGMAERTITISSAA(LLP)MFN
CTGWKIGWACGPAELIAGVRAAKQYLSYVGGAPFQPAVALALDTEDAWVAALRNSLRARRDRLAAGLTEIGFAVHDSYGT
YFLCADPRPLGYDDSTEFCAALPEKVGVAAIPMSAFCDPAAGQASQQADVWNHLVRFTFCKRDDTLDEAIRRLSVLAERP
ATGVPRGLEHHHHHH
;
_entity_poly.pdbx_strand_id   A,B
#
# COMPACT_ATOMS: atom_id res chain seq x y z
N ALA A 2 -4.83 18.05 12.30
CA ALA A 2 -4.34 17.38 11.05
C ALA A 2 -4.53 15.91 11.02
N THR A 3 -5.02 15.27 12.10
CA THR A 3 -4.78 13.82 12.24
C THR A 3 -5.50 13.22 13.44
N VAL A 4 -5.97 12.00 13.29
CA VAL A 4 -6.70 11.39 14.37
C VAL A 4 -5.81 11.26 15.61
N SER A 5 -6.43 11.38 16.78
CA SER A 5 -5.75 11.33 18.06
C SER A 5 -4.66 10.29 18.15
N ARG A 6 -5.00 9.04 17.84
CA ARG A 6 -4.12 7.90 18.10
C ARG A 6 -2.92 7.80 17.15
N LEU A 7 -2.90 8.61 16.09
CA LEU A 7 -1.77 8.60 15.18
C LEU A 7 -0.94 9.86 15.31
N ARG A 8 -1.42 10.79 16.14
CA ARG A 8 -0.73 12.05 16.36
C ARG A 8 0.73 11.85 16.81
N PRO A 9 0.99 10.91 17.75
CA PRO A 9 2.40 10.68 18.14
C PRO A 9 3.26 10.24 16.98
N TYR A 10 2.65 9.76 15.90
CA TYR A 10 3.41 9.18 14.82
C TYR A 10 3.32 9.96 13.53
N ALA A 11 2.68 11.13 13.59
CA ALA A 11 2.41 11.90 12.36
C ALA A 11 3.67 12.21 11.53
N THR A 12 4.77 12.54 12.20
CA THR A 12 6.02 12.79 11.51
C THR A 12 7.07 11.82 12.04
N THR A 13 7.91 11.33 11.13
CA THR A 13 9.11 10.55 11.49
C THR A 13 10.39 11.36 11.34
N VAL A 14 11.41 11.01 12.13
CA VAL A 14 12.73 11.66 11.99
C VAL A 14 13.44 11.10 10.75
N PHE A 15 13.02 9.91 10.31
CA PHE A 15 13.57 9.30 9.10
C PHE A 15 13.30 10.16 7.87
N ALA A 16 12.38 11.13 8.03
CA ALA A 16 12.01 12.10 7.00
C ALA A 16 12.90 13.33 7.06
N GLU A 17 12.93 13.97 8.21
CA GLU A 17 13.72 15.18 8.40
C GLU A 17 15.22 14.92 8.19
N MET A 18 15.69 13.74 8.56
CA MET A 18 17.09 13.35 8.35
C MET A 18 17.47 13.16 6.87
N SER A 19 16.78 12.24 6.21
CA SER A 19 16.93 11.95 4.77
C SER A 19 17.17 13.18 3.92
N ALA A 20 16.39 14.22 4.23
CA ALA A 20 16.28 15.42 3.42
C ALA A 20 17.31 16.46 3.82
N LEU A 21 17.63 16.49 5.12
CA LEU A 21 18.70 17.34 5.64
C LEU A 21 19.98 16.96 4.91
N ALA A 22 20.27 15.67 4.91
CA ALA A 22 21.52 15.13 4.38
C ALA A 22 21.57 15.13 2.85
N THR A 23 20.45 14.79 2.21
CA THR A 23 20.39 14.73 0.76
C THR A 23 20.92 16.04 0.15
N ARG A 24 20.34 17.16 0.56
CA ARG A 24 20.75 18.41 -0.05
C ARG A 24 21.61 19.37 0.80
N ILE A 25 22.49 18.79 1.60
CA ILE A 25 23.74 19.46 1.99
C ILE A 25 24.96 18.58 1.64
N GLY A 26 24.68 17.42 1.04
CA GLY A 26 25.73 16.52 0.57
C GLY A 26 26.43 15.79 1.71
N ALA A 27 25.65 15.49 2.75
CA ALA A 27 26.12 14.68 3.85
C ALA A 27 26.01 13.24 3.41
N VAL A 28 27.03 12.43 3.67
CA VAL A 28 26.98 11.01 3.39
C VAL A 28 25.96 10.41 4.34
N ASN A 29 25.00 9.71 3.77
CA ASN A 29 23.88 9.24 4.55
C ASN A 29 24.07 7.82 5.08
N LEU A 30 24.47 7.71 6.35
CA LEU A 30 24.55 6.41 7.03
C LEU A 30 23.36 6.22 7.96
N GLY A 31 22.32 7.02 7.71
CA GLY A 31 21.01 6.81 8.38
C GLY A 31 20.02 6.06 7.54
N GLN A 32 20.26 5.98 6.23
CA GLN A 32 19.25 5.47 5.31
C GLN A 32 18.92 4.04 5.59
N GLY A 33 17.73 3.63 5.22
CA GLY A 33 17.28 2.26 5.49
C GLY A 33 17.21 1.47 4.21
N PHE A 34 17.87 1.96 3.17
CA PHE A 34 17.86 1.30 1.85
C PHE A 34 19.31 1.28 1.28
N PRO A 35 19.58 0.36 0.32
CA PRO A 35 20.91 0.23 -0.25
C PRO A 35 21.20 1.28 -1.35
N ASP A 36 22.49 1.55 -1.63
CA ASP A 36 22.87 2.42 -2.71
C ASP A 36 22.74 1.66 -4.05
N GLU A 37 22.89 0.35 -4.04
CA GLU A 37 23.11 -0.38 -5.26
C GLU A 37 21.90 -1.20 -5.65
N ASP A 38 21.85 -1.59 -6.92
CA ASP A 38 20.69 -2.32 -7.48
C ASP A 38 20.71 -3.81 -7.21
N GLY A 39 19.60 -4.46 -7.56
CA GLY A 39 19.48 -5.92 -7.42
C GLY A 39 20.09 -6.64 -8.61
N PRO A 40 19.78 -7.94 -8.75
CA PRO A 40 20.38 -8.73 -9.85
C PRO A 40 20.08 -8.09 -11.21
N PRO A 41 21.09 -7.93 -12.06
CA PRO A 41 20.78 -7.39 -13.37
C PRO A 41 19.65 -8.12 -14.06
N LYS A 42 19.54 -9.44 -13.92
CA LYS A 42 18.51 -10.17 -14.69
C LYS A 42 17.09 -9.84 -14.13
N MET A 43 17.04 -9.51 -12.84
CA MET A 43 15.76 -9.13 -12.23
C MET A 43 15.32 -7.77 -12.77
N LEU A 44 16.26 -6.81 -12.86
CA LEU A 44 15.92 -5.49 -13.44
C LEU A 44 15.42 -5.62 -14.87
N GLN A 45 16.11 -6.40 -15.67
CA GLN A 45 15.71 -6.60 -17.04
C GLN A 45 14.35 -7.26 -17.16
N ALA A 46 14.05 -8.23 -16.29
CA ALA A 46 12.76 -8.91 -16.36
C ALA A 46 11.61 -7.94 -16.05
N ALA A 47 11.85 -7.00 -15.12
CA ALA A 47 10.83 -5.94 -14.84
C ALA A 47 10.63 -5.01 -16.05
N GLN A 48 11.72 -4.58 -16.67
CA GLN A 48 11.62 -3.79 -17.93
C GLN A 48 10.90 -4.56 -19.04
N ASP A 49 11.30 -5.83 -19.23
CA ASP A 49 10.61 -6.72 -20.15
C ASP A 49 9.12 -6.85 -19.82
N ALA A 50 8.78 -6.90 -18.52
CA ALA A 50 7.39 -7.06 -18.11
C ALA A 50 6.55 -5.84 -18.51
N ILE A 51 7.14 -4.64 -18.28
CA ILE A 51 6.50 -3.37 -18.66
C ILE A 51 6.28 -3.37 -20.19
N ALA A 52 7.30 -3.76 -20.92
CA ALA A 52 7.24 -3.76 -22.39
C ALA A 52 6.27 -4.83 -22.86
N GLY A 53 6.05 -5.84 -22.04
CA GLY A 53 5.18 -6.93 -22.42
C GLY A 53 3.75 -6.82 -22.00
N GLY A 54 3.36 -5.68 -21.42
CA GLY A 54 1.96 -5.45 -21.08
C GLY A 54 1.57 -5.83 -19.67
N VAL A 55 2.55 -6.23 -18.87
CA VAL A 55 2.29 -6.62 -17.50
C VAL A 55 2.18 -5.37 -16.60
N ASN A 56 1.16 -4.57 -16.87
CA ASN A 56 1.04 -3.23 -16.29
C ASN A 56 -0.26 -3.04 -15.58
N GLN A 57 -1.09 -4.10 -15.49
CA GLN A 57 -2.43 -3.96 -14.90
C GLN A 57 -2.49 -4.72 -13.61
N TYR A 58 -3.57 -4.57 -12.86
CA TYR A 58 -3.70 -5.26 -11.56
C TYR A 58 -3.30 -6.71 -11.69
N PRO A 59 -2.32 -7.19 -10.87
CA PRO A 59 -2.14 -8.64 -10.80
C PRO A 59 -3.24 -9.29 -9.96
N PRO A 60 -3.25 -10.64 -9.87
CA PRO A 60 -4.27 -11.28 -9.05
C PRO A 60 -4.20 -10.76 -7.63
N GLY A 61 -5.36 -10.71 -6.98
CA GLY A 61 -5.52 -10.22 -5.61
C GLY A 61 -4.46 -10.72 -4.64
N PRO A 62 -4.12 -12.04 -4.69
CA PRO A 62 -3.09 -12.53 -3.79
C PRO A 62 -1.66 -12.52 -4.29
N GLY A 63 -1.41 -11.98 -5.48
CA GLY A 63 -0.10 -12.08 -6.12
C GLY A 63 -0.19 -13.00 -7.34
N SER A 64 0.71 -12.81 -8.29
CA SER A 64 0.68 -13.66 -9.47
C SER A 64 0.98 -15.09 -9.00
N ALA A 65 0.54 -16.08 -9.74
CA ALA A 65 0.77 -17.44 -9.31
C ALA A 65 2.27 -17.76 -9.35
N PRO A 66 3.00 -17.35 -10.42
CA PRO A 66 4.42 -17.65 -10.40
C PRO A 66 5.17 -17.06 -9.19
N LEU A 67 4.76 -15.89 -8.74
CA LEU A 67 5.45 -15.27 -7.62
C LEU A 67 5.15 -16.01 -6.33
N ARG A 68 3.86 -16.32 -6.09
CA ARG A 68 3.51 -17.06 -4.89
C ARG A 68 4.21 -18.42 -4.87
N ARG A 69 4.30 -19.05 -6.04
CA ARG A 69 5.00 -20.32 -6.14
C ARG A 69 6.51 -20.16 -5.81
N ALA A 70 7.09 -19.06 -6.30
CA ALA A 70 8.50 -18.80 -6.11
C ALA A 70 8.83 -18.51 -4.62
N ILE A 71 7.92 -17.81 -3.93
CA ILE A 71 8.11 -17.54 -2.53
C ILE A 71 8.10 -18.86 -1.77
N ALA A 72 7.12 -19.72 -2.10
CA ALA A 72 7.01 -20.98 -1.40
C ALA A 72 8.26 -21.83 -1.72
N ALA A 73 8.72 -21.78 -2.96
CA ALA A 73 9.92 -22.54 -3.35
C ALA A 73 11.14 -22.05 -2.59
N GLN A 74 11.26 -20.75 -2.39
CA GLN A 74 12.42 -20.18 -1.71
C GLN A 74 12.40 -20.48 -0.24
N ARG A 75 11.22 -20.42 0.40
CA ARG A 75 11.16 -20.65 1.84
C ARG A 75 11.48 -22.12 2.11
N ARG A 76 11.01 -23.00 1.23
CA ARG A 76 11.38 -24.41 1.25
C ARG A 76 12.87 -24.59 1.07
N ARG A 77 13.40 -23.95 0.03
CA ARG A 77 14.80 -24.15 -0.38
C ARG A 77 15.76 -23.69 0.71
N HIS A 78 15.38 -22.61 1.39
CA HIS A 78 16.28 -22.04 2.38
C HIS A 78 16.02 -22.57 3.78
N PHE A 79 14.78 -22.97 4.06
CA PHE A 79 14.45 -23.37 5.41
C PHE A 79 13.76 -24.71 5.56
N GLY A 80 13.40 -25.34 4.45
CA GLY A 80 12.71 -26.63 4.49
C GLY A 80 11.25 -26.51 4.93
N VAL A 81 10.75 -25.29 5.11
CA VAL A 81 9.34 -25.07 5.44
C VAL A 81 8.50 -25.10 4.14
N ASP A 82 7.35 -25.77 4.21
CA ASP A 82 6.46 -25.96 3.07
C ASP A 82 5.18 -25.12 3.24
N TYR A 83 5.05 -24.06 2.46
CA TYR A 83 3.79 -23.31 2.38
C TYR A 83 3.10 -23.63 1.07
N ASP A 84 1.78 -23.68 1.11
CA ASP A 84 0.95 -23.82 -0.06
C ASP A 84 0.78 -22.45 -0.75
N PRO A 85 1.33 -22.30 -1.97
CA PRO A 85 1.29 -20.97 -2.62
C PRO A 85 -0.11 -20.49 -2.97
N GLU A 86 -1.05 -21.41 -3.04
CA GLU A 86 -2.42 -21.00 -3.37
C GLU A 86 -3.12 -20.34 -2.19
N THR A 87 -2.89 -20.83 -0.96
CA THR A 87 -3.68 -20.39 0.19
C THR A 87 -2.89 -19.80 1.38
N GLU A 88 -1.56 -20.02 1.41
CA GLU A 88 -0.72 -19.72 2.55
C GLU A 88 0.35 -18.68 2.28
N VAL A 89 0.26 -18.08 1.08
CA VAL A 89 1.19 -17.04 0.64
C VAL A 89 0.39 -15.89 0.05
N LEU A 90 0.64 -14.69 0.55
CA LEU A 90 0.02 -13.46 0.07
C LEU A 90 1.09 -12.43 -0.28
N VAL A 91 1.11 -11.96 -1.50
CA VAL A 91 1.99 -10.88 -1.92
C VAL A 91 1.42 -9.53 -1.50
N THR A 92 2.26 -8.70 -0.89
CA THR A 92 1.79 -7.42 -0.33
C THR A 92 2.66 -6.30 -0.88
N VAL A 93 2.31 -5.07 -0.49
CA VAL A 93 3.03 -3.88 -0.90
C VAL A 93 4.15 -3.67 0.11
N GLY A 94 5.17 -4.48 -0.07
CA GLY A 94 6.32 -4.53 0.84
C GLY A 94 5.98 -5.29 2.11
N ALA A 95 7.01 -5.51 2.92
CA ALA A 95 6.78 -6.03 4.26
C ALA A 95 5.94 -5.00 5.01
N THR A 96 6.03 -3.74 4.64
CA THR A 96 5.33 -2.71 5.42
C THR A 96 3.82 -2.96 5.41
N GLU A 97 3.31 -3.33 4.24
CA GLU A 97 1.84 -3.52 4.11
C GLU A 97 1.42 -4.83 4.72
N ALA A 98 2.28 -5.85 4.57
CA ALA A 98 2.09 -7.13 5.25
C ALA A 98 1.90 -6.92 6.75
N ILE A 99 2.79 -6.15 7.34
CA ILE A 99 2.67 -5.77 8.76
C ILE A 99 1.36 -5.06 9.05
N ALA A 100 1.09 -3.95 8.33
CA ALA A 100 -0.10 -3.15 8.58
C ALA A 100 -1.37 -4.04 8.45
N ALA A 101 -1.44 -4.82 7.37
CA ALA A 101 -2.65 -5.62 7.06
C ALA A 101 -2.81 -6.78 8.05
N ALA A 102 -1.68 -7.32 8.51
CA ALA A 102 -1.72 -8.43 9.45
C ALA A 102 -2.24 -7.91 10.74
N VAL A 103 -1.80 -6.73 11.18
CA VAL A 103 -2.31 -6.24 12.45
C VAL A 103 -3.77 -5.82 12.31
N LEU A 104 -4.09 -5.06 11.25
CA LEU A 104 -5.47 -4.57 11.06
C LEU A 104 -6.43 -5.72 10.84
N GLY A 105 -5.96 -6.73 10.08
CA GLY A 105 -6.73 -7.91 9.72
C GLY A 105 -6.90 -8.97 10.80
N LEU A 106 -6.00 -9.03 11.79
CA LEU A 106 -5.98 -10.14 12.78
C LEU A 106 -6.08 -9.70 14.22
N VAL A 107 -5.83 -8.40 14.48
CA VAL A 107 -5.81 -7.94 15.90
C VAL A 107 -6.99 -7.02 16.17
N GLU A 108 -7.80 -7.41 17.15
CA GLU A 108 -9.00 -6.68 17.52
C GLU A 108 -8.69 -5.44 18.35
N PRO A 109 -9.44 -4.35 18.14
CA PRO A 109 -9.35 -3.15 18.97
C PRO A 109 -9.38 -3.54 20.40
N GLY A 110 -8.56 -2.91 21.24
CA GLY A 110 -8.57 -3.27 22.68
C GLY A 110 -7.56 -4.34 23.06
N SER A 111 -7.10 -5.14 22.11
CA SER A 111 -6.00 -6.10 22.35
C SER A 111 -4.72 -5.36 22.77
N GLU A 112 -3.87 -6.04 23.53
CA GLU A 112 -2.48 -5.61 23.71
C GLU A 112 -1.63 -6.36 22.69
N VAL A 113 -0.66 -5.65 22.12
CA VAL A 113 0.28 -6.23 21.19
C VAL A 113 1.63 -5.98 21.79
N LEU A 114 2.35 -7.07 22.04
CA LEU A 114 3.74 -6.99 22.47
C LEU A 114 4.68 -6.57 21.35
N LEU A 115 5.51 -5.59 21.68
CA LEU A 115 6.60 -5.22 20.78
C LEU A 115 7.93 -5.29 21.51
N ILE A 116 8.99 -5.57 20.74
CA ILE A 116 10.34 -5.68 21.31
C ILE A 116 11.07 -4.39 20.97
N GLU A 117 11.56 -3.71 21.99
CA GLU A 117 12.17 -2.46 21.83
C GLU A 117 13.71 -2.62 21.89
N PRO A 118 14.46 -1.83 21.09
CA PRO A 118 14.03 -0.82 20.11
C PRO A 118 13.33 -1.50 18.91
N PHE A 119 12.36 -0.82 18.30
CA PHE A 119 11.50 -1.46 17.30
C PHE A 119 11.47 -0.67 16.01
N TYR A 120 11.12 -1.36 14.92
CA TYR A 120 10.90 -0.70 13.65
C TYR A 120 9.81 0.38 13.72
N ASP A 121 9.98 1.45 12.94
CA ASP A 121 9.13 2.63 13.00
C ASP A 121 7.61 2.37 12.79
N SER A 122 7.24 1.40 11.94
CA SER A 122 5.82 1.21 11.60
C SER A 122 5.01 0.41 12.65
N TYR A 123 5.68 -0.33 13.53
CA TYR A 123 4.93 -1.20 14.44
C TYR A 123 3.97 -0.45 15.37
N SER A 124 4.45 0.57 16.07
CA SER A 124 3.62 1.29 17.02
C SER A 124 2.40 1.94 16.35
N PRO A 125 2.61 2.74 15.28
CA PRO A 125 1.45 3.33 14.65
C PRO A 125 0.46 2.32 14.04
N VAL A 126 0.95 1.19 13.54
CA VAL A 126 0.07 0.20 12.97
C VAL A 126 -0.81 -0.38 14.12
N VAL A 127 -0.21 -0.69 15.26
CA VAL A 127 -0.95 -1.15 16.43
C VAL A 127 -2.00 -0.12 16.85
N ALA A 128 -1.63 1.16 16.82
CA ALA A 128 -2.54 2.23 17.23
C ALA A 128 -3.69 2.32 16.21
N MET A 129 -3.35 2.25 14.92
CA MET A 129 -4.40 2.31 13.89
C MET A 129 -5.47 1.23 14.03
N ALA A 130 -5.05 0.05 14.50
CA ALA A 130 -5.98 -1.07 14.74
C ALA A 130 -6.79 -0.91 16.01
N GLY A 131 -6.53 0.15 16.78
CA GLY A 131 -7.21 0.42 18.05
C GLY A 131 -6.74 -0.50 19.16
N ALA A 132 -5.54 -1.03 18.99
CA ALA A 132 -4.92 -1.94 19.95
C ALA A 132 -3.89 -1.15 20.77
N HIS A 133 -3.35 -1.80 21.80
CA HIS A 133 -2.46 -1.17 22.76
C HIS A 133 -1.07 -1.80 22.75
N ARG A 134 -0.03 -1.02 22.51
CA ARG A 134 1.28 -1.64 22.40
C ARG A 134 1.79 -1.82 23.82
N VAL A 135 2.48 -2.93 24.06
CA VAL A 135 3.16 -3.13 25.33
C VAL A 135 4.60 -3.42 24.92
N THR A 136 5.57 -2.63 25.39
CA THR A 136 6.91 -2.75 24.80
C THR A 136 7.83 -3.48 25.79
N VAL A 137 8.66 -4.37 25.30
CA VAL A 137 9.64 -5.06 26.14
C VAL A 137 11.02 -4.84 25.56
N PRO A 138 11.94 -4.18 26.30
CA PRO A 138 13.26 -3.98 25.66
C PRO A 138 14.14 -5.22 25.63
N LEU A 139 14.96 -5.30 24.58
CA LEU A 139 16.15 -6.16 24.59
C LEU A 139 17.02 -5.71 25.72
N VAL A 140 17.98 -6.55 26.13
CA VAL A 140 18.98 -6.19 27.13
C VAL A 140 20.43 -6.32 26.57
N PRO A 141 21.37 -5.52 27.11
CA PRO A 141 22.73 -5.73 26.65
C PRO A 141 23.17 -7.15 27.00
N ASP A 142 23.95 -7.74 26.10
CA ASP A 142 24.60 -8.99 26.39
C ASP A 142 26.03 -8.83 25.90
N GLY A 143 26.93 -8.43 26.79
CA GLY A 143 28.29 -8.08 26.38
C GLY A 143 28.23 -6.95 25.36
N ARG A 144 28.83 -7.17 24.20
CA ARG A 144 28.87 -6.14 23.17
C ARG A 144 27.64 -6.19 22.27
N GLY A 145 26.81 -7.20 22.49
CA GLY A 145 25.61 -7.36 21.68
C GLY A 145 24.34 -7.25 22.50
N PHE A 146 23.28 -7.88 22.00
CA PHE A 146 21.97 -7.69 22.64
C PHE A 146 21.23 -9.01 22.76
N ALA A 147 20.32 -9.12 23.73
CA ALA A 147 19.63 -10.38 23.98
C ALA A 147 18.16 -10.11 24.31
N LEU A 148 17.33 -11.08 24.00
CA LEU A 148 15.94 -11.06 24.43
C LEU A 148 16.00 -11.35 25.94
N ASP A 149 15.14 -10.67 26.70
CA ASP A 149 14.94 -11.02 28.10
C ASP A 149 13.57 -11.71 28.13
N ALA A 150 13.57 -13.05 28.11
CA ALA A 150 12.34 -13.84 28.03
C ALA A 150 11.47 -13.68 29.29
N ASP A 151 12.13 -13.46 30.42
CA ASP A 151 11.40 -13.28 31.65
C ASP A 151 10.61 -11.98 31.61
N ALA A 152 11.24 -10.89 31.15
CA ALA A 152 10.53 -9.60 30.96
C ALA A 152 9.40 -9.76 29.98
N LEU A 153 9.66 -10.48 28.89
CA LEU A 153 8.61 -10.70 27.90
C LEU A 153 7.45 -11.46 28.52
N ARG A 154 7.73 -12.51 29.29
CA ARG A 154 6.68 -13.32 29.88
C ARG A 154 5.87 -12.45 30.80
N ARG A 155 6.55 -11.60 31.54
CA ARG A 155 5.91 -10.74 32.57
C ARG A 155 5.02 -9.64 31.95
N ALA A 156 5.32 -9.31 30.71
CA ALA A 156 4.57 -8.28 29.96
C ALA A 156 3.23 -8.78 29.43
N VAL A 157 3.10 -10.09 29.34
CA VAL A 157 1.83 -10.70 28.89
C VAL A 157 0.76 -10.46 29.96
N THR A 158 -0.44 -10.08 29.52
CA THR A 158 -1.58 -9.98 30.40
C THR A 158 -2.71 -10.79 29.74
N PRO A 159 -3.86 -10.90 30.43
CA PRO A 159 -5.09 -11.46 29.87
C PRO A 159 -5.54 -10.79 28.56
N ARG A 160 -5.09 -9.57 28.28
CA ARG A 160 -5.51 -8.91 27.02
C ARG A 160 -4.50 -8.95 25.88
N THR A 161 -3.32 -9.54 26.11
CA THR A 161 -2.33 -9.71 25.04
C THR A 161 -2.86 -10.68 23.99
N ARG A 162 -2.81 -10.28 22.75
CA ARG A 162 -3.31 -11.14 21.71
C ARG A 162 -2.29 -11.41 20.63
N ALA A 163 -1.27 -10.58 20.57
CA ALA A 163 -0.32 -10.67 19.46
C ALA A 163 1.04 -10.19 19.87
N LEU A 164 2.03 -10.56 19.07
CA LEU A 164 3.39 -10.21 19.32
C LEU A 164 4.05 -10.02 17.98
N ILE A 165 4.85 -8.96 17.86
CA ILE A 165 5.62 -8.77 16.63
C ILE A 165 7.11 -8.97 16.97
N ILE A 166 7.76 -9.87 16.25
CA ILE A 166 9.21 -10.21 16.39
C ILE A 166 9.90 -9.83 15.08
N ASN A 167 11.08 -9.21 15.17
CA ASN A 167 11.83 -8.82 14.01
C ASN A 167 13.25 -9.36 14.19
N SER A 168 13.58 -10.38 13.41
CA SER A 168 14.92 -10.94 13.44
C SER A 168 15.25 -11.43 12.01
N PRO A 169 16.45 -11.10 11.50
CA PRO A 169 17.45 -10.24 12.15
C PRO A 169 16.89 -8.84 12.48
N HIS A 170 17.40 -8.23 13.55
CA HIS A 170 16.74 -7.11 14.15
C HIS A 170 17.20 -5.70 13.71
N ASN A 171 16.24 -4.90 13.25
CA ASN A 171 16.45 -3.50 13.01
C ASN A 171 15.91 -2.75 14.24
N PRO A 172 16.76 -1.98 14.93
CA PRO A 172 18.10 -1.48 14.55
C PRO A 172 19.40 -2.10 15.08
N THR A 173 19.33 -3.09 15.99
CA THR A 173 20.55 -3.51 16.73
C THR A 173 21.45 -4.45 15.90
N GLY A 174 20.92 -5.02 14.82
CA GLY A 174 21.64 -6.11 14.14
C GLY A 174 21.66 -7.41 14.92
N ALA A 175 20.90 -7.53 16.01
CA ALA A 175 20.85 -8.81 16.74
C ALA A 175 20.13 -9.86 15.92
N VAL A 176 20.45 -11.14 16.16
CA VAL A 176 19.78 -12.24 15.48
C VAL A 176 19.38 -13.15 16.60
N LEU A 177 18.07 -13.36 16.78
CA LEU A 177 17.62 -14.19 17.86
C LEU A 177 18.18 -15.62 17.76
N SER A 178 18.60 -16.13 18.91
CA SER A 178 19.13 -17.48 18.99
C SER A 178 17.96 -18.47 19.03
N ALA A 179 18.23 -19.73 18.70
CA ALA A 179 17.19 -20.75 18.83
C ALA A 179 16.64 -20.76 20.27
N THR A 180 17.52 -20.55 21.24
CA THR A 180 17.10 -20.58 22.65
C THR A 180 16.09 -19.46 22.89
N GLU A 181 16.38 -18.31 22.31
CA GLU A 181 15.49 -17.15 22.45
C GLU A 181 14.19 -17.40 21.69
N LEU A 182 14.31 -17.90 20.45
CA LEU A 182 13.14 -18.19 19.65
C LEU A 182 12.23 -19.22 20.31
N ALA A 183 12.84 -20.25 20.94
CA ALA A 183 12.10 -21.29 21.61
C ALA A 183 11.43 -20.72 22.87
N ALA A 184 12.09 -19.78 23.56
CA ALA A 184 11.43 -19.11 24.69
C ALA A 184 10.23 -18.24 24.23
N ILE A 185 10.37 -17.58 23.08
CA ILE A 185 9.24 -16.81 22.51
C ILE A 185 8.08 -17.73 22.19
N ALA A 186 8.42 -18.84 21.53
CA ALA A 186 7.46 -19.87 21.20
C ALA A 186 6.64 -20.33 22.45
N GLU A 187 7.34 -20.69 23.52
CA GLU A 187 6.66 -21.17 24.73
C GLU A 187 5.63 -20.16 25.21
N ILE A 188 6.08 -18.90 25.33
CA ILE A 188 5.22 -17.76 25.72
C ILE A 188 4.01 -17.59 24.80
N ALA A 189 4.26 -17.61 23.49
CA ALA A 189 3.20 -17.41 22.47
C ALA A 189 2.16 -18.48 22.52
N VAL A 190 2.63 -19.71 22.62
CA VAL A 190 1.72 -20.85 22.80
C VAL A 190 0.93 -20.71 24.10
N ALA A 191 1.61 -20.46 25.20
CA ALA A 191 0.96 -20.40 26.50
C ALA A 191 -0.12 -19.33 26.54
N ALA A 192 0.14 -18.22 25.88
CA ALA A 192 -0.76 -17.10 25.95
C ALA A 192 -1.64 -17.08 24.73
N ASN A 193 -1.48 -18.09 23.88
CA ASN A 193 -2.24 -18.23 22.66
C ASN A 193 -2.22 -16.96 21.80
N LEU A 194 -1.01 -16.49 21.53
CA LEU A 194 -0.79 -15.30 20.73
C LEU A 194 -0.80 -15.65 19.25
N VAL A 195 -1.21 -14.65 18.45
CA VAL A 195 -0.87 -14.60 17.03
C VAL A 195 0.51 -13.92 16.99
N VAL A 196 1.45 -14.47 16.20
CA VAL A 196 2.77 -13.87 16.17
C VAL A 196 3.04 -13.44 14.76
N ILE A 197 3.50 -12.20 14.63
CA ILE A 197 3.90 -11.75 13.31
C ILE A 197 5.41 -11.63 13.35
N THR A 198 6.10 -12.22 12.37
CA THR A 198 7.56 -12.13 12.40
C THR A 198 8.11 -11.39 11.17
N ASP A 199 8.92 -10.38 11.42
CA ASP A 199 9.40 -9.52 10.35
C ASP A 199 10.81 -10.03 9.98
N GLU A 200 10.89 -10.73 8.84
CA GLU A 200 12.12 -11.47 8.50
C GLU A 200 12.77 -10.88 7.26
N VAL A 201 12.59 -9.58 7.05
CA VAL A 201 13.07 -8.96 5.81
C VAL A 201 14.59 -9.09 5.63
N TYR A 202 15.33 -9.30 6.73
CA TYR A 202 16.79 -9.49 6.66
C TYR A 202 17.20 -10.95 6.75
N GLU A 203 16.24 -11.80 6.43
CA GLU A 203 16.47 -13.25 6.45
C GLU A 203 17.79 -13.65 5.76
N HIS A 204 18.22 -12.92 4.71
CA HIS A 204 19.41 -13.27 3.90
C HIS A 204 20.72 -12.74 4.51
N LEU A 205 20.59 -11.81 5.47
CA LEU A 205 21.73 -11.10 5.99
C LEU A 205 22.03 -11.50 7.42
N VAL A 206 22.68 -12.68 7.60
CA VAL A 206 23.23 -13.10 8.88
C VAL A 206 24.69 -13.34 8.68
N PHE A 207 25.47 -13.00 9.68
CA PHE A 207 26.92 -13.02 9.52
C PHE A 207 27.56 -13.96 10.52
N ASP A 208 28.82 -14.31 10.26
CA ASP A 208 29.63 -14.99 11.26
C ASP A 208 29.00 -16.36 11.59
N HIS A 209 28.73 -16.64 12.85
CA HIS A 209 28.11 -17.92 13.22
C HIS A 209 26.63 -17.82 13.52
N ALA A 210 26.02 -16.68 13.23
CA ALA A 210 24.58 -16.53 13.41
C ALA A 210 23.85 -17.31 12.30
N ARG A 211 22.67 -17.78 12.63
CA ARG A 211 21.80 -18.47 11.71
C ARG A 211 20.44 -17.85 11.83
N HIS A 212 19.77 -17.77 10.68
CA HIS A 212 18.39 -17.35 10.64
C HIS A 212 17.50 -18.59 10.78
N LEU A 213 16.76 -18.62 11.88
CA LEU A 213 15.86 -19.73 12.16
C LEU A 213 14.47 -19.13 12.23
N PRO A 214 13.66 -19.34 11.19
CA PRO A 214 12.30 -18.78 11.19
C PRO A 214 11.46 -19.26 12.42
N LEU A 215 10.81 -18.31 13.08
CA LEU A 215 10.10 -18.66 14.30
C LEU A 215 8.94 -19.59 13.96
N ALA A 216 8.40 -19.50 12.75
CA ALA A 216 7.24 -20.37 12.41
C ALA A 216 7.60 -21.86 12.58
N GLY A 217 8.90 -22.14 12.49
CA GLY A 217 9.45 -23.48 12.63
C GLY A 217 9.44 -24.09 14.04
N PHE A 218 9.29 -23.26 15.06
CA PHE A 218 9.42 -23.71 16.43
C PHE A 218 8.12 -24.31 16.92
N ASP A 219 8.20 -24.96 18.08
CA ASP A 219 7.11 -25.78 18.59
C ASP A 219 5.80 -24.98 18.78
N GLY A 220 4.74 -25.45 18.11
CA GLY A 220 3.39 -24.87 18.24
C GLY A 220 3.20 -23.56 17.50
N MET A 221 4.22 -23.17 16.73
CA MET A 221 4.22 -21.89 16.04
C MET A 221 3.62 -21.88 14.65
N ALA A 222 3.77 -22.95 13.87
CA ALA A 222 3.27 -22.90 12.51
C ALA A 222 1.80 -22.44 12.44
N GLU A 223 1.00 -22.83 13.42
CA GLU A 223 -0.44 -22.54 13.35
C GLU A 223 -0.82 -21.14 13.82
N ARG A 224 0.15 -20.41 14.37
CA ARG A 224 -0.18 -19.08 14.93
C ARG A 224 0.75 -17.97 14.38
N THR A 225 1.49 -18.25 13.32
CA THR A 225 2.49 -17.28 12.90
C THR A 225 2.25 -16.78 11.51
N ILE A 226 2.37 -15.46 11.36
CA ILE A 226 2.48 -14.82 10.06
C ILE A 226 3.94 -14.40 9.84
N THR A 227 4.54 -15.01 8.85
CA THR A 227 5.92 -14.75 8.53
C THR A 227 6.00 -13.75 7.39
N ILE A 228 6.73 -12.65 7.62
CA ILE A 228 6.78 -11.62 6.60
C ILE A 228 8.21 -11.41 6.14
N SER A 229 8.34 -11.27 4.84
CA SER A 229 9.60 -10.86 4.26
C SER A 229 9.29 -10.07 2.99
N SER A 230 10.29 -9.90 2.15
CA SER A 230 10.22 -8.92 1.10
C SER A 230 11.44 -9.11 0.15
N ALA A 231 11.27 -8.68 -1.09
CA ALA A 231 12.35 -8.53 -2.06
C ALA A 231 13.17 -7.29 -1.71
N ALA A 232 12.65 -6.41 -0.85
CA ALA A 232 13.22 -5.08 -0.65
C ALA A 232 14.73 -5.09 -0.46
N MET A 234 16.47 -8.10 0.19
CA MET A 234 16.97 -9.37 -0.35
C MET A 234 17.51 -9.15 -1.77
N PHE A 235 16.81 -8.32 -2.54
CA PHE A 235 17.21 -8.05 -3.91
C PHE A 235 17.39 -6.56 -4.18
N ASN A 236 17.67 -5.77 -3.15
CA ASN A 236 18.02 -4.35 -3.35
C ASN A 236 17.03 -3.60 -4.23
N CYS A 237 15.74 -3.79 -3.96
CA CYS A 237 14.69 -3.09 -4.74
C CYS A 237 13.61 -2.53 -3.79
N THR A 238 14.04 -1.71 -2.83
CA THR A 238 13.14 -1.26 -1.78
C THR A 238 12.00 -0.43 -2.36
N GLY A 239 12.23 0.25 -3.49
CA GLY A 239 11.17 1.01 -4.17
C GLY A 239 10.11 0.21 -4.94
N TRP A 240 10.29 -1.10 -5.08
CA TRP A 240 9.38 -1.91 -5.89
C TRP A 240 8.23 -2.46 -5.03
N LYS A 241 8.48 -2.57 -3.71
CA LYS A 241 7.46 -3.00 -2.73
C LYS A 241 6.75 -4.34 -3.08
N ILE A 242 7.56 -5.38 -3.28
CA ILE A 242 7.08 -6.72 -3.42
C ILE A 242 7.43 -7.39 -2.12
N GLY A 243 6.43 -7.47 -1.25
CA GLY A 243 6.58 -8.15 0.02
C GLY A 243 5.67 -9.36 0.06
N TRP A 244 5.82 -10.17 1.10
CA TRP A 244 4.88 -11.25 1.27
C TRP A 244 4.71 -11.63 2.70
N ALA A 245 3.56 -12.24 2.96
CA ALA A 245 3.22 -12.83 4.25
C ALA A 245 2.96 -14.30 3.98
N CYS A 246 3.40 -15.16 4.89
CA CYS A 246 3.20 -16.62 4.73
C CYS A 246 2.66 -17.17 6.04
N GLY A 247 1.72 -18.10 6.00
CA GLY A 247 1.19 -18.63 7.26
C GLY A 247 -0.05 -19.47 6.97
N PRO A 248 -0.76 -19.91 8.01
CA PRO A 248 -1.95 -20.77 7.85
C PRO A 248 -3.00 -20.03 7.03
N ALA A 249 -3.72 -20.77 6.20
CA ALA A 249 -4.69 -20.18 5.29
C ALA A 249 -5.67 -19.21 5.97
N GLU A 250 -6.15 -19.54 7.15
CA GLU A 250 -7.15 -18.70 7.81
C GLU A 250 -6.56 -17.39 8.32
N LEU A 251 -5.30 -17.40 8.76
CA LEU A 251 -4.63 -16.15 9.16
C LEU A 251 -4.30 -15.29 7.95
N ILE A 252 -3.90 -15.93 6.86
CA ILE A 252 -3.56 -15.23 5.68
C ILE A 252 -4.79 -14.55 5.06
N ALA A 253 -5.94 -15.21 5.16
CA ALA A 253 -7.21 -14.63 4.72
C ALA A 253 -7.54 -13.36 5.50
N GLY A 254 -7.15 -13.34 6.78
CA GLY A 254 -7.36 -12.16 7.63
C GLY A 254 -6.45 -11.01 7.16
N VAL A 255 -5.20 -11.35 6.83
CA VAL A 255 -4.27 -10.34 6.29
C VAL A 255 -4.82 -9.81 4.98
N ARG A 256 -5.23 -10.73 4.11
CA ARG A 256 -5.80 -10.38 2.82
C ARG A 256 -7.09 -9.51 2.96
N ALA A 257 -7.92 -9.86 3.93
CA ALA A 257 -9.14 -9.08 4.16
C ALA A 257 -8.84 -7.58 4.34
N ALA A 258 -7.75 -7.24 5.04
CA ALA A 258 -7.48 -5.78 5.26
C ALA A 258 -6.68 -5.28 4.08
N LYS A 259 -5.68 -6.06 3.67
CA LYS A 259 -4.72 -5.66 2.62
C LYS A 259 -5.39 -5.25 1.31
N GLN A 260 -6.45 -5.97 0.95
CA GLN A 260 -7.06 -5.79 -0.35
C GLN A 260 -7.81 -4.46 -0.45
N TYR A 261 -7.99 -3.77 0.69
CA TYR A 261 -8.61 -2.47 0.71
C TYR A 261 -7.64 -1.34 1.05
N LEU A 262 -6.42 -1.70 1.39
CA LEU A 262 -5.36 -0.72 1.61
C LEU A 262 -4.75 -0.36 0.29
N SER A 263 -4.35 -1.35 -0.51
CA SER A 263 -3.83 -1.07 -1.85
C SER A 263 -4.58 -1.84 -2.92
N TYR A 264 -5.29 -2.88 -2.50
CA TYR A 264 -5.72 -3.95 -3.37
C TYR A 264 -4.50 -4.76 -3.81
N VAL A 265 -3.76 -4.29 -4.80
CA VAL A 265 -2.58 -5.00 -5.27
C VAL A 265 -1.55 -3.92 -5.66
N GLY A 266 -0.32 -4.32 -5.98
CA GLY A 266 0.64 -3.39 -6.63
C GLY A 266 1.82 -4.07 -7.29
N GLY A 267 2.62 -3.31 -8.01
CA GLY A 267 3.92 -3.73 -8.47
C GLY A 267 3.79 -4.73 -9.60
N ALA A 268 2.76 -4.59 -10.43
CA ALA A 268 2.56 -5.59 -11.52
C ALA A 268 3.82 -6.11 -12.25
N PRO A 269 4.63 -5.23 -12.87
CA PRO A 269 5.73 -5.79 -13.66
C PRO A 269 6.87 -6.33 -12.84
N PHE A 270 6.88 -6.00 -11.53
CA PHE A 270 7.92 -6.46 -10.68
C PHE A 270 7.63 -7.89 -10.24
N GLN A 271 6.38 -8.33 -10.27
CA GLN A 271 6.09 -9.67 -9.74
C GLN A 271 6.75 -10.79 -10.55
N PRO A 272 6.65 -10.73 -11.87
CA PRO A 272 7.42 -11.77 -12.55
C PRO A 272 8.92 -11.60 -12.36
N ALA A 273 9.38 -10.40 -12.06
CA ALA A 273 10.83 -10.17 -11.98
C ALA A 273 11.37 -10.72 -10.66
N VAL A 274 10.66 -10.42 -9.57
CA VAL A 274 10.97 -11.00 -8.29
C VAL A 274 10.77 -12.52 -8.27
N ALA A 275 9.75 -13.06 -8.95
CA ALA A 275 9.63 -14.52 -9.02
C ALA A 275 10.94 -15.08 -9.58
N LEU A 276 11.42 -14.46 -10.65
CA LEU A 276 12.64 -14.89 -11.34
C LEU A 276 13.83 -14.87 -10.36
N ALA A 277 13.98 -13.74 -9.68
CA ALA A 277 15.07 -13.59 -8.73
C ALA A 277 14.98 -14.64 -7.63
N LEU A 278 13.79 -14.88 -7.09
CA LEU A 278 13.69 -15.91 -6.05
C LEU A 278 14.10 -17.26 -6.62
N ASP A 279 13.59 -17.59 -7.81
CA ASP A 279 13.92 -18.88 -8.42
C ASP A 279 15.37 -19.05 -8.82
N THR A 280 16.04 -17.96 -9.17
CA THR A 280 17.34 -18.14 -9.83
C THR A 280 18.52 -17.38 -9.26
N GLU A 281 18.31 -16.43 -8.37
CA GLU A 281 19.40 -15.54 -7.98
C GLU A 281 20.02 -15.78 -6.58
N ASP A 282 19.88 -17.00 -6.04
CA ASP A 282 20.55 -17.36 -4.77
C ASP A 282 22.05 -17.06 -4.69
N ALA A 283 22.79 -17.35 -5.76
CA ALA A 283 24.21 -17.06 -5.80
C ALA A 283 24.46 -15.56 -5.62
N TRP A 284 23.64 -14.73 -6.26
CA TRP A 284 23.79 -13.29 -6.17
C TRP A 284 23.53 -12.82 -4.71
N VAL A 285 22.48 -13.38 -4.09
CA VAL A 285 22.14 -13.01 -2.72
C VAL A 285 23.30 -13.42 -1.76
N ALA A 286 23.85 -14.62 -1.96
CA ALA A 286 25.01 -15.05 -1.16
C ALA A 286 26.20 -14.08 -1.28
N ALA A 287 26.49 -13.66 -2.50
CA ALA A 287 27.57 -12.70 -2.68
C ALA A 287 27.23 -11.37 -2.01
N LEU A 288 25.97 -10.94 -2.13
CA LEU A 288 25.56 -9.69 -1.51
C LEU A 288 25.85 -9.80 0.01
N ARG A 289 25.46 -10.91 0.61
CA ARG A 289 25.66 -11.15 2.03
C ARG A 289 27.16 -11.10 2.37
N ASN A 290 27.99 -11.80 1.58
CA ASN A 290 29.43 -11.72 1.84
C ASN A 290 29.94 -10.27 1.72
N SER A 291 29.44 -9.56 0.71
CA SER A 291 29.83 -8.18 0.45
C SER A 291 29.43 -7.22 1.62
N LEU A 292 28.25 -7.45 2.20
CA LEU A 292 27.79 -6.63 3.30
C LEU A 292 28.49 -7.00 4.60
N ARG A 293 28.88 -8.27 4.74
CA ARG A 293 29.74 -8.62 5.89
C ARG A 293 31.07 -7.82 5.84
N ALA A 294 31.64 -7.73 4.66
CA ALA A 294 32.93 -7.04 4.53
C ALA A 294 32.77 -5.53 4.80
N ARG A 295 31.66 -4.94 4.35
CA ARG A 295 31.37 -3.53 4.61
C ARG A 295 31.04 -3.29 6.08
N ARG A 296 30.32 -4.21 6.74
CA ARG A 296 30.17 -4.15 8.20
C ARG A 296 31.50 -4.08 8.94
N ASP A 297 32.39 -5.01 8.63
CA ASP A 297 33.68 -5.09 9.32
C ASP A 297 34.49 -3.80 9.12
N ARG A 298 34.43 -3.26 7.89
CA ARG A 298 35.09 -2.01 7.56
C ARG A 298 34.53 -0.84 8.37
N LEU A 299 33.21 -0.75 8.44
CA LEU A 299 32.60 0.31 9.22
C LEU A 299 32.94 0.16 10.68
N ALA A 300 32.69 -1.02 11.24
CA ALA A 300 33.05 -1.30 12.62
C ALA A 300 34.52 -1.00 12.96
N ALA A 301 35.46 -1.47 12.12
CA ALA A 301 36.86 -1.19 12.35
C ALA A 301 37.12 0.34 12.38
N GLY A 302 36.51 1.05 11.42
CA GLY A 302 36.70 2.52 11.26
C GLY A 302 36.12 3.31 12.44
N LEU A 303 34.91 2.97 12.87
CA LEU A 303 34.29 3.63 14.04
C LEU A 303 35.10 3.38 15.29
N THR A 304 35.50 2.12 15.45
CA THR A 304 36.31 1.73 16.60
C THR A 304 37.61 2.53 16.59
N GLU A 305 38.25 2.63 15.42
CA GLU A 305 39.53 3.31 15.42
C GLU A 305 39.34 4.79 15.77
N ILE A 306 38.21 5.34 15.29
CA ILE A 306 37.89 6.75 15.58
C ILE A 306 37.77 6.96 17.08
N GLY A 307 37.13 5.99 17.76
CA GLY A 307 36.95 5.99 19.21
C GLY A 307 35.49 5.74 19.62
N PHE A 308 34.59 5.42 18.68
CA PHE A 308 33.23 4.97 19.10
C PHE A 308 33.37 3.66 19.85
N ALA A 309 32.47 3.40 20.79
CA ALA A 309 32.26 2.02 21.27
C ALA A 309 31.23 1.38 20.34
N VAL A 310 31.69 0.40 19.56
CA VAL A 310 30.82 -0.17 18.54
C VAL A 310 30.24 -1.47 19.06
N HIS A 311 28.95 -1.69 18.81
CA HIS A 311 28.32 -2.90 19.31
C HIS A 311 28.41 -3.97 18.27
N ASP A 312 28.30 -5.23 18.70
CA ASP A 312 28.26 -6.35 17.76
C ASP A 312 27.03 -6.24 16.90
N SER A 313 27.14 -6.72 15.68
CA SER A 313 26.01 -6.84 14.76
C SER A 313 26.12 -8.19 14.04
N TYR A 314 25.09 -9.02 14.11
CA TYR A 314 25.12 -10.32 13.48
C TYR A 314 24.22 -10.45 12.27
N GLY A 315 23.54 -9.37 11.90
CA GLY A 315 22.72 -9.37 10.71
C GLY A 315 22.16 -8.00 10.40
N THR A 316 21.38 -7.94 9.31
CA THR A 316 20.84 -6.70 8.72
C THR A 316 22.00 -5.93 8.13
N TYR A 317 21.71 -4.78 7.56
CA TYR A 317 22.81 -3.95 7.16
C TYR A 317 23.01 -2.73 8.13
N PHE A 318 22.70 -2.93 9.40
CA PHE A 318 22.86 -1.90 10.40
C PHE A 318 23.83 -2.34 11.50
N LEU A 319 24.59 -1.39 12.02
CA LEU A 319 25.26 -1.65 13.27
C LEU A 319 25.06 -0.43 14.17
N CYS A 320 25.16 -0.64 15.46
CA CYS A 320 25.01 0.41 16.48
C CYS A 320 26.32 0.77 17.19
N ALA A 321 26.54 2.05 17.48
CA ALA A 321 27.77 2.48 18.10
C ALA A 321 27.43 3.61 19.05
N ASP A 322 28.35 3.82 19.97
CA ASP A 322 28.11 4.72 21.06
C ASP A 322 29.21 5.80 21.05
N PRO A 323 28.81 7.07 20.94
CA PRO A 323 29.81 8.11 20.85
C PRO A 323 30.19 8.71 22.18
N ARG A 324 29.76 8.12 23.30
CA ARG A 324 30.21 8.63 24.61
C ARG A 324 31.73 8.69 24.82
N PRO A 325 32.48 7.68 24.34
CA PRO A 325 33.91 7.82 24.60
C PRO A 325 34.55 8.99 23.83
N LEU A 326 33.86 9.49 22.82
CA LEU A 326 34.31 10.65 22.05
C LEU A 326 33.99 11.96 22.78
N GLY A 327 33.19 11.88 23.84
CA GLY A 327 32.75 13.04 24.59
C GLY A 327 31.34 13.52 24.27
N TYR A 328 30.55 12.67 23.60
CA TYR A 328 29.18 13.02 23.19
C TYR A 328 28.16 12.21 23.97
N ASP A 329 27.63 12.84 25.02
CA ASP A 329 26.73 12.19 25.98
C ASP A 329 25.26 12.36 25.58
N ASP A 330 25.00 13.11 24.51
CA ASP A 330 23.66 13.31 23.98
C ASP A 330 23.65 12.91 22.50
N SER A 331 23.15 11.72 22.22
CA SER A 331 23.25 11.13 20.89
C SER A 331 22.16 11.60 19.90
N THR A 332 21.02 12.01 20.45
CA THR A 332 19.99 12.66 19.65
C THR A 332 20.47 13.99 19.15
N GLU A 333 21.14 14.75 20.01
CA GLU A 333 21.75 16.00 19.60
C GLU A 333 22.89 15.79 18.61
N PHE A 334 23.75 14.82 18.93
CA PHE A 334 24.91 14.44 18.13
C PHE A 334 24.50 14.17 16.66
N CYS A 335 23.44 13.41 16.50
CA CYS A 335 22.91 13.05 15.19
C CYS A 335 22.31 14.25 14.46
N ALA A 336 21.69 15.16 15.23
CA ALA A 336 21.07 16.37 14.71
C ALA A 336 22.12 17.28 14.04
N ALA A 337 23.26 17.42 14.72
CA ALA A 337 24.37 18.27 14.29
C ALA A 337 25.33 17.68 13.27
N LEU A 338 25.39 16.36 13.24
CA LEU A 338 26.32 15.58 12.41
C LEU A 338 26.38 15.98 10.92
N PRO A 339 25.22 16.11 10.24
CA PRO A 339 25.31 16.44 8.82
C PRO A 339 25.96 17.80 8.56
N GLU A 340 25.61 18.82 9.34
CA GLU A 340 26.24 20.14 9.22
C GLU A 340 27.70 20.13 9.69
N LYS A 341 27.94 19.48 10.84
CA LYS A 341 29.23 19.57 11.53
C LYS A 341 30.30 18.70 10.85
N VAL A 342 29.85 17.54 10.36
CA VAL A 342 30.76 16.45 10.00
C VAL A 342 30.51 15.96 8.57
N GLY A 343 29.33 16.24 8.03
CA GLY A 343 29.01 15.82 6.66
C GLY A 343 28.54 14.38 6.59
N VAL A 344 28.05 13.86 7.71
CA VAL A 344 27.57 12.49 7.76
C VAL A 344 26.25 12.47 8.49
N ALA A 345 25.33 11.64 8.04
CA ALA A 345 24.08 11.48 8.77
C ALA A 345 23.92 10.07 9.32
N ALA A 346 23.32 9.98 10.50
CA ALA A 346 23.00 8.70 11.15
C ALA A 346 21.69 8.85 11.96
N ILE A 347 21.12 7.76 12.45
CA ILE A 347 19.88 7.85 13.21
C ILE A 347 20.14 7.57 14.70
N PRO A 348 19.63 8.42 15.60
CA PRO A 348 19.84 8.11 17.02
C PRO A 348 18.88 7.00 17.45
N MET A 349 19.28 6.23 18.46
CA MET A 349 18.49 5.08 18.92
C MET A 349 17.15 5.53 19.52
N SER A 350 17.11 6.77 20.00
CA SER A 350 15.84 7.39 20.49
C SER A 350 14.68 7.31 19.48
N ALA A 351 15.02 7.21 18.20
CA ALA A 351 14.04 7.13 17.16
C ALA A 351 13.42 5.77 17.10
N PHE A 352 13.97 4.78 17.82
CA PHE A 352 13.40 3.43 17.82
C PHE A 352 12.87 2.97 19.18
N CYS A 353 12.75 3.93 20.11
CA CYS A 353 12.40 3.63 21.46
C CYS A 353 11.07 4.27 21.78
N ASP A 354 10.43 3.69 22.80
CA ASP A 354 9.13 4.10 23.29
C ASP A 354 9.40 5.35 24.04
N PRO A 355 8.88 6.48 23.52
CA PRO A 355 8.99 7.84 24.10
C PRO A 355 8.57 7.97 25.59
N ALA A 356 8.16 6.85 26.20
CA ALA A 356 8.02 6.77 27.66
C ALA A 356 9.29 6.13 28.24
N ASP A 365 21.98 4.12 31.23
CA ASP A 365 21.31 3.19 30.32
C ASP A 365 21.77 3.39 28.88
N VAL A 366 22.00 2.28 28.19
CA VAL A 366 22.66 2.28 26.87
C VAL A 366 21.84 2.91 25.75
N TRP A 367 20.56 2.53 25.64
CA TRP A 367 19.76 2.91 24.47
C TRP A 367 19.86 4.36 24.02
N ASN A 368 19.72 5.31 24.93
CA ASN A 368 19.70 6.71 24.52
C ASN A 368 21.00 7.19 23.91
N HIS A 369 22.08 6.41 24.08
CA HIS A 369 23.39 6.81 23.59
C HIS A 369 23.76 6.16 22.26
N LEU A 370 23.01 5.17 21.83
CA LEU A 370 23.38 4.44 20.60
C LEU A 370 22.97 5.20 19.35
N VAL A 371 23.68 4.92 18.27
CA VAL A 371 23.44 5.54 17.01
C VAL A 371 23.47 4.39 16.07
N ARG A 372 22.51 4.33 15.16
CA ARG A 372 22.46 3.27 14.17
C ARG A 372 23.15 3.78 12.92
N PHE A 373 24.09 2.99 12.41
CA PHE A 373 24.73 3.32 11.15
C PHE A 373 24.38 2.25 10.16
N THR A 374 24.18 2.66 8.91
CA THR A 374 23.93 1.76 7.79
C THR A 374 25.22 1.46 7.03
N PHE A 375 25.46 0.20 6.68
CA PHE A 375 26.62 -0.09 5.86
C PHE A 375 26.30 -0.65 4.46
N CYS A 376 25.04 -0.63 4.02
CA CYS A 376 24.76 -0.99 2.63
C CYS A 376 25.00 0.21 1.73
N LYS A 377 26.24 0.67 1.73
CA LYS A 377 26.61 1.83 0.94
C LYS A 377 27.62 1.36 -0.09
N ARG A 378 27.81 2.12 -1.15
CA ARG A 378 28.91 1.82 -2.04
C ARG A 378 30.18 1.90 -1.24
N ASP A 379 31.08 0.95 -1.46
CA ASP A 379 32.36 0.87 -0.73
C ASP A 379 33.06 2.20 -0.52
N ASP A 380 33.12 3.00 -1.57
CA ASP A 380 33.93 4.20 -1.52
C ASP A 380 33.16 5.29 -0.79
N THR A 381 31.83 5.24 -0.93
CA THR A 381 30.96 6.12 -0.19
C THR A 381 31.08 5.84 1.31
N LEU A 382 31.16 4.57 1.62
CA LEU A 382 31.31 4.16 3.00
C LEU A 382 32.66 4.62 3.55
N ASP A 383 33.72 4.48 2.76
CA ASP A 383 35.02 4.95 3.20
C ASP A 383 35.03 6.46 3.40
N GLU A 384 34.33 7.19 2.53
CA GLU A 384 34.27 8.64 2.64
C GLU A 384 33.62 9.03 3.98
N ALA A 385 32.52 8.35 4.32
CA ALA A 385 31.82 8.59 5.58
C ALA A 385 32.72 8.44 6.81
N ILE A 386 33.45 7.31 6.82
CA ILE A 386 34.41 7.04 7.89
C ILE A 386 35.42 8.13 7.96
N ARG A 387 35.95 8.50 6.79
CA ARG A 387 36.90 9.56 6.68
C ARG A 387 36.33 10.84 7.30
N ARG A 388 35.10 11.14 6.94
CA ARG A 388 34.44 12.32 7.45
C ARG A 388 34.27 12.25 8.98
N LEU A 389 33.83 11.10 9.49
CA LEU A 389 33.59 10.89 10.92
C LEU A 389 34.87 11.03 11.73
N SER A 390 36.00 10.83 11.06
CA SER A 390 37.30 10.83 11.72
C SER A 390 37.64 12.14 12.42
N VAL A 391 37.06 13.27 11.98
CA VAL A 391 37.25 14.54 12.70
C VAL A 391 36.84 14.50 14.19
N LEU A 392 36.03 13.51 14.54
CA LEU A 392 35.51 13.36 15.88
C LEU A 392 36.51 12.76 16.84
N ALA A 393 37.63 12.25 16.33
CA ALA A 393 38.62 11.65 17.21
C ALA A 393 39.21 12.69 18.18
N GLU A 394 38.92 13.97 17.95
CA GLU A 394 39.06 14.99 19.02
C GLU A 394 38.21 16.26 18.85
N ALA B 2 -10.05 -16.10 8.44
CA ALA B 2 -10.51 -15.58 9.76
C ALA B 2 -10.03 -14.13 9.88
N THR B 3 -10.93 -13.24 10.29
CA THR B 3 -10.53 -11.85 10.29
C THR B 3 -11.20 -11.14 11.48
N VAL B 4 -10.74 -9.93 11.78
CA VAL B 4 -11.36 -9.17 12.85
C VAL B 4 -12.82 -8.90 12.54
N SER B 5 -13.61 -8.82 13.61
CA SER B 5 -15.03 -8.69 13.53
C SER B 5 -15.53 -7.67 12.50
N ARG B 6 -14.99 -6.46 12.53
CA ARG B 6 -15.52 -5.44 11.67
C ARG B 6 -15.18 -5.62 10.18
N LEU B 7 -14.27 -6.51 9.85
CA LEU B 7 -13.92 -6.72 8.45
C LEU B 7 -14.55 -7.97 7.93
N ARG B 8 -15.18 -8.75 8.81
CA ARG B 8 -15.85 -9.97 8.36
C ARG B 8 -16.80 -9.82 7.13
N PRO B 9 -17.70 -8.81 7.12
CA PRO B 9 -18.58 -8.59 5.97
C PRO B 9 -17.84 -8.42 4.66
N TYR B 10 -16.56 -8.04 4.73
CA TYR B 10 -15.77 -7.69 3.56
C TYR B 10 -14.60 -8.61 3.32
N ALA B 11 -14.52 -9.71 4.06
CA ALA B 11 -13.32 -10.59 4.00
C ALA B 11 -13.07 -11.13 2.56
N THR B 12 -14.14 -11.45 1.84
CA THR B 12 -14.03 -11.70 0.41
C THR B 12 -14.89 -10.73 -0.41
N THR B 13 -14.51 -10.53 -1.68
CA THR B 13 -15.36 -9.81 -2.63
C THR B 13 -15.74 -10.71 -3.79
N VAL B 14 -16.89 -10.42 -4.39
CA VAL B 14 -17.31 -11.14 -5.58
C VAL B 14 -16.33 -10.87 -6.73
N PHE B 15 -15.67 -9.71 -6.67
CA PHE B 15 -14.77 -9.27 -7.73
C PHE B 15 -13.73 -10.34 -8.03
N ALA B 16 -13.02 -10.79 -7.00
CA ALA B 16 -12.06 -11.92 -7.10
C ALA B 16 -12.65 -13.30 -7.42
N GLU B 17 -13.80 -13.64 -6.82
CA GLU B 17 -14.51 -14.88 -7.16
C GLU B 17 -14.97 -14.88 -8.64
N MET B 18 -15.24 -13.69 -9.18
CA MET B 18 -15.70 -13.57 -10.56
C MET B 18 -14.56 -13.61 -11.57
N SER B 19 -13.51 -12.82 -11.33
CA SER B 19 -12.36 -12.76 -12.25
C SER B 19 -11.62 -14.11 -12.32
N ALA B 20 -11.59 -14.85 -11.21
CA ALA B 20 -10.96 -16.16 -11.16
C ALA B 20 -11.78 -17.22 -11.90
N LEU B 21 -13.09 -17.16 -11.72
CA LEU B 21 -14.03 -18.03 -12.41
C LEU B 21 -13.89 -17.86 -13.94
N ALA B 22 -14.15 -16.64 -14.41
CA ALA B 22 -14.01 -16.27 -15.81
C ALA B 22 -12.67 -16.65 -16.42
N THR B 23 -11.59 -16.46 -15.66
CA THR B 23 -10.24 -16.66 -16.16
C THR B 23 -9.94 -18.06 -16.67
N ARG B 24 -10.38 -19.10 -15.95
CA ARG B 24 -10.43 -20.40 -16.64
C ARG B 24 -11.80 -21.10 -16.74
N ILE B 25 -12.83 -20.31 -17.03
CA ILE B 25 -13.91 -20.81 -17.87
C ILE B 25 -13.49 -20.39 -19.28
N GLY B 26 -12.62 -19.40 -19.36
CA GLY B 26 -12.32 -18.72 -20.61
C GLY B 26 -13.53 -17.88 -20.96
N ALA B 27 -14.14 -17.27 -19.94
CA ALA B 27 -15.31 -16.42 -20.15
C ALA B 27 -14.79 -15.01 -20.38
N VAL B 28 -15.37 -14.31 -21.35
CA VAL B 28 -15.00 -12.91 -21.61
C VAL B 28 -15.35 -12.13 -20.38
N ASN B 29 -14.37 -11.41 -19.83
CA ASN B 29 -14.58 -10.77 -18.56
C ASN B 29 -14.98 -9.33 -18.73
N LEU B 30 -16.27 -9.05 -18.65
CA LEU B 30 -16.77 -7.65 -18.67
C LEU B 30 -17.08 -7.21 -17.26
N GLY B 31 -16.46 -7.89 -16.30
CA GLY B 31 -16.62 -7.53 -14.90
C GLY B 31 -15.39 -6.79 -14.44
N GLN B 32 -14.31 -6.88 -15.19
CA GLN B 32 -12.99 -6.39 -14.77
C GLN B 32 -12.96 -4.89 -14.57
N GLY B 33 -12.17 -4.48 -13.59
CA GLY B 33 -12.07 -3.08 -13.29
C GLY B 33 -10.85 -2.43 -13.91
N PHE B 34 -10.21 -3.10 -14.88
CA PHE B 34 -8.96 -2.64 -15.49
C PHE B 34 -8.97 -2.82 -17.02
N PRO B 35 -8.15 -2.02 -17.75
CA PRO B 35 -8.06 -2.05 -19.20
C PRO B 35 -7.23 -3.12 -19.88
N ASP B 36 -7.63 -3.50 -21.09
CA ASP B 36 -6.87 -4.43 -21.90
C ASP B 36 -5.56 -3.80 -22.42
N GLU B 37 -5.60 -2.50 -22.73
CA GLU B 37 -4.54 -1.76 -23.45
C GLU B 37 -3.55 -1.07 -22.47
N ASP B 38 -2.34 -0.79 -22.93
CA ASP B 38 -1.33 -0.05 -22.16
C ASP B 38 -1.45 1.48 -22.25
N GLY B 39 -0.69 2.17 -21.39
CA GLY B 39 -0.61 3.62 -21.35
C GLY B 39 0.27 4.14 -22.49
N PRO B 40 0.62 5.43 -22.43
CA PRO B 40 1.44 6.05 -23.44
C PRO B 40 2.76 5.28 -23.65
N PRO B 41 3.16 5.01 -24.91
CA PRO B 41 4.46 4.36 -25.12
C PRO B 41 5.64 5.05 -24.44
N LYS B 42 5.65 6.38 -24.41
CA LYS B 42 6.80 7.07 -23.81
C LYS B 42 6.77 6.92 -22.30
N MET B 43 5.60 6.69 -21.75
CA MET B 43 5.50 6.49 -20.31
C MET B 43 6.08 5.09 -19.93
N LEU B 44 5.71 4.09 -20.72
CA LEU B 44 6.22 2.74 -20.54
C LEU B 44 7.72 2.74 -20.67
N GLN B 45 8.23 3.36 -21.72
CA GLN B 45 9.67 3.50 -21.91
C GLN B 45 10.34 4.26 -20.77
N ALA B 46 9.71 5.31 -20.27
CA ALA B 46 10.28 6.07 -19.16
C ALA B 46 10.48 5.19 -17.93
N ALA B 47 9.49 4.32 -17.67
CA ALA B 47 9.51 3.46 -16.47
C ALA B 47 10.62 2.44 -16.66
N GLN B 48 10.75 1.91 -17.87
CA GLN B 48 11.84 0.97 -18.19
C GLN B 48 13.23 1.62 -17.98
N ASP B 49 13.38 2.85 -18.50
CA ASP B 49 14.62 3.59 -18.34
C ASP B 49 14.91 3.92 -16.90
N ALA B 50 13.89 4.23 -16.12
CA ALA B 50 14.07 4.48 -14.69
C ALA B 50 14.64 3.26 -13.95
N ILE B 51 14.13 2.06 -14.25
CA ILE B 51 14.64 0.83 -13.60
C ILE B 51 16.11 0.65 -13.98
N ALA B 52 16.38 0.73 -15.28
CA ALA B 52 17.73 0.55 -15.81
C ALA B 52 18.69 1.61 -15.25
N GLY B 53 18.17 2.80 -14.94
CA GLY B 53 18.97 3.88 -14.38
C GLY B 53 18.97 3.95 -12.86
N GLY B 54 18.55 2.88 -12.17
CA GLY B 54 18.71 2.79 -10.71
C GLY B 54 17.66 3.46 -9.88
N VAL B 55 16.53 3.78 -10.47
CA VAL B 55 15.47 4.44 -9.72
C VAL B 55 14.60 3.33 -9.07
N ASN B 56 15.19 2.56 -8.14
CA ASN B 56 14.58 1.31 -7.62
C ASN B 56 14.50 1.25 -6.13
N GLN B 57 14.93 2.32 -5.49
CA GLN B 57 14.81 2.42 -4.05
C GLN B 57 13.67 3.33 -3.60
N TYR B 58 13.42 3.36 -2.31
CA TYR B 58 12.34 4.17 -1.74
C TYR B 58 12.38 5.57 -2.35
N PRO B 59 11.30 6.05 -3.00
CA PRO B 59 11.25 7.49 -3.31
C PRO B 59 10.99 8.28 -2.03
N PRO B 60 11.03 9.64 -2.11
CA PRO B 60 10.77 10.44 -0.90
C PRO B 60 9.40 10.10 -0.39
N GLY B 61 9.21 10.21 0.92
CA GLY B 61 7.95 9.85 1.55
C GLY B 61 6.70 10.41 0.90
N PRO B 62 6.70 11.71 0.59
CA PRO B 62 5.50 12.22 0.00
C PRO B 62 5.41 12.02 -1.51
N GLY B 63 6.41 11.38 -2.13
CA GLY B 63 6.44 11.24 -3.59
C GLY B 63 7.60 12.06 -4.13
N SER B 64 8.13 11.68 -5.29
CA SER B 64 9.20 12.44 -5.93
C SER B 64 8.77 13.87 -6.17
N ALA B 65 9.71 14.82 -6.07
CA ALA B 65 9.39 16.22 -6.39
C ALA B 65 8.82 16.37 -7.80
N PRO B 66 9.52 15.86 -8.83
CA PRO B 66 8.95 15.96 -10.17
C PRO B 66 7.50 15.44 -10.29
N LEU B 67 7.13 14.35 -9.59
CA LEU B 67 5.80 13.79 -9.80
C LEU B 67 4.80 14.68 -9.06
N ARG B 68 5.13 15.10 -7.85
CA ARG B 68 4.27 16.04 -7.16
C ARG B 68 4.09 17.35 -7.95
N ARG B 69 5.17 17.89 -8.52
CA ARG B 69 4.98 19.05 -9.37
C ARG B 69 4.10 18.76 -10.56
N ALA B 70 4.25 17.58 -11.17
CA ALA B 70 3.49 17.25 -12.38
C ALA B 70 1.99 17.09 -12.06
N ILE B 71 1.71 16.52 -10.90
CA ILE B 71 0.30 16.38 -10.45
C ILE B 71 -0.32 17.79 -10.24
N ALA B 72 0.38 18.66 -9.52
CA ALA B 72 -0.13 20.03 -9.30
C ALA B 72 -0.27 20.75 -10.65
N ALA B 73 0.69 20.53 -11.52
CA ALA B 73 0.66 21.19 -12.83
C ALA B 73 -0.52 20.69 -13.66
N GLN B 74 -0.85 19.42 -13.53
CA GLN B 74 -1.96 18.85 -14.30
C GLN B 74 -3.28 19.34 -13.74
N ARG B 75 -3.40 19.34 -12.40
CA ARG B 75 -4.64 19.83 -11.81
C ARG B 75 -4.88 21.28 -12.13
N ARG B 76 -3.81 22.07 -12.14
CA ARG B 76 -3.93 23.46 -12.50
C ARG B 76 -4.30 23.61 -13.99
N ARG B 77 -3.58 22.88 -14.84
CA ARG B 77 -3.76 22.97 -16.30
C ARG B 77 -5.18 22.61 -16.68
N HIS B 78 -5.69 21.51 -16.09
CA HIS B 78 -7.00 21.02 -16.47
C HIS B 78 -8.14 21.75 -15.86
N PHE B 79 -7.98 22.21 -14.62
CA PHE B 79 -9.11 22.65 -13.84
C PHE B 79 -8.88 24.01 -13.17
N GLY B 80 -7.70 24.58 -13.26
CA GLY B 80 -7.43 25.81 -12.55
C GLY B 80 -7.46 25.71 -11.02
N VAL B 81 -7.24 24.55 -10.46
CA VAL B 81 -7.07 24.45 -9.01
C VAL B 81 -5.56 24.37 -8.90
N ASP B 82 -5.04 25.17 -7.99
CA ASP B 82 -3.64 25.36 -7.88
C ASP B 82 -3.16 24.82 -6.52
N TYR B 83 -2.56 23.61 -6.50
CA TYR B 83 -2.04 23.01 -5.26
C TYR B 83 -0.52 23.29 -5.12
N ASP B 84 -0.05 23.44 -3.89
CA ASP B 84 1.34 23.59 -3.59
C ASP B 84 1.93 22.18 -3.56
N PRO B 85 2.83 21.84 -4.51
CA PRO B 85 3.36 20.48 -4.63
C PRO B 85 4.12 20.08 -3.41
N GLU B 86 4.66 21.06 -2.69
CA GLU B 86 5.46 20.68 -1.53
C GLU B 86 4.62 20.27 -0.31
N THR B 87 3.44 20.84 -0.12
CA THR B 87 2.66 20.51 1.09
C THR B 87 1.20 20.02 0.87
N GLU B 88 0.71 20.14 -0.36
CA GLU B 88 -0.69 19.90 -0.62
C GLU B 88 -0.92 18.72 -1.56
N VAL B 89 0.15 17.99 -1.87
CA VAL B 89 0.07 16.84 -2.82
C VAL B 89 0.83 15.67 -2.21
N LEU B 90 0.16 14.54 -2.09
CA LEU B 90 0.75 13.31 -1.55
C LEU B 90 0.56 12.16 -2.53
N VAL B 91 1.67 11.60 -2.99
CA VAL B 91 1.62 10.42 -3.86
C VAL B 91 1.36 9.20 -2.98
N THR B 92 0.46 8.33 -3.47
CA THR B 92 0.03 7.18 -2.70
C THR B 92 0.09 5.89 -3.57
N VAL B 93 -0.13 4.74 -2.95
CA VAL B 93 -0.18 3.47 -3.67
C VAL B 93 -1.60 3.33 -4.27
N GLY B 94 -1.80 4.01 -5.41
CA GLY B 94 -3.14 4.07 -6.03
C GLY B 94 -4.07 5.03 -5.31
N ALA B 95 -5.17 5.35 -5.98
CA ALA B 95 -6.28 6.00 -5.30
C ALA B 95 -6.71 5.10 -4.12
N THR B 96 -6.53 3.79 -4.23
CA THR B 96 -7.00 2.85 -3.17
C THR B 96 -6.34 3.22 -1.83
N GLU B 97 -5.04 3.48 -1.87
CA GLU B 97 -4.36 3.78 -0.61
C GLU B 97 -4.71 5.15 -0.11
N ALA B 98 -4.85 6.12 -1.03
CA ALA B 98 -5.20 7.50 -0.66
C ALA B 98 -6.55 7.46 0.05
N ILE B 99 -7.44 6.65 -0.45
CA ILE B 99 -8.75 6.49 0.21
C ILE B 99 -8.59 5.90 1.58
N ALA B 100 -7.87 4.77 1.69
CA ALA B 100 -7.72 4.13 2.98
C ALA B 100 -7.03 5.03 3.99
N ALA B 101 -5.96 5.69 3.56
CA ALA B 101 -5.21 6.55 4.46
C ALA B 101 -5.97 7.82 4.83
N ALA B 102 -6.77 8.35 3.90
CA ALA B 102 -7.56 9.55 4.24
C ALA B 102 -8.54 9.26 5.33
N VAL B 103 -9.18 8.11 5.24
CA VAL B 103 -10.17 7.77 6.26
C VAL B 103 -9.45 7.40 7.56
N LEU B 104 -8.42 6.56 7.49
CA LEU B 104 -7.76 6.19 8.76
C LEU B 104 -7.06 7.38 9.39
N GLY B 105 -6.54 8.27 8.54
CA GLY B 105 -5.76 9.40 9.02
C GLY B 105 -6.63 10.53 9.54
N LEU B 106 -7.89 10.60 9.05
CA LEU B 106 -8.74 11.73 9.35
C LEU B 106 -10.02 11.50 10.11
N VAL B 107 -10.47 10.25 10.15
CA VAL B 107 -11.81 10.00 10.73
C VAL B 107 -11.64 9.21 12.01
N GLU B 108 -12.08 9.80 13.11
CA GLU B 108 -11.99 9.16 14.41
C GLU B 108 -12.98 7.99 14.50
N PRO B 109 -12.58 6.93 15.19
CA PRO B 109 -13.48 5.85 15.50
C PRO B 109 -14.76 6.43 16.06
N GLY B 110 -15.89 5.88 15.63
CA GLY B 110 -17.18 6.33 16.16
C GLY B 110 -17.90 7.32 15.25
N SER B 111 -17.14 8.04 14.43
CA SER B 111 -17.69 9.00 13.49
C SER B 111 -18.50 8.32 12.37
N GLU B 112 -19.41 9.09 11.77
CA GLU B 112 -20.13 8.65 10.60
C GLU B 112 -19.46 9.14 9.33
N VAL B 113 -19.45 8.29 8.33
CA VAL B 113 -18.90 8.69 7.06
C VAL B 113 -20.05 8.41 6.11
N LEU B 114 -20.43 9.39 5.30
CA LEU B 114 -21.52 9.21 4.37
C LEU B 114 -20.96 8.67 3.09
N LEU B 115 -21.67 7.69 2.57
CA LEU B 115 -21.33 7.15 1.26
C LEU B 115 -22.51 7.26 0.36
N ILE B 116 -22.23 7.48 -0.93
CA ILE B 116 -23.25 7.54 -1.93
C ILE B 116 -23.34 6.13 -2.50
N GLU B 117 -24.56 5.58 -2.46
CA GLU B 117 -24.77 4.24 -2.96
C GLU B 117 -25.38 4.24 -4.38
N PRO B 118 -25.00 3.29 -5.25
CA PRO B 118 -24.01 2.22 -5.10
C PRO B 118 -22.60 2.81 -4.99
N PHE B 119 -21.72 2.14 -4.23
CA PHE B 119 -20.39 2.67 -3.91
C PHE B 119 -19.33 1.68 -4.33
N TYR B 120 -18.15 2.22 -4.59
CA TYR B 120 -16.94 1.45 -4.80
C TYR B 120 -16.69 0.48 -3.62
N ASP B 121 -16.17 -0.68 -3.97
CA ASP B 121 -15.88 -1.84 -3.07
C ASP B 121 -15.01 -1.48 -1.82
N SER B 122 -14.07 -0.56 -1.97
CA SER B 122 -13.18 -0.33 -0.82
C SER B 122 -13.71 0.64 0.23
N TYR B 123 -14.77 1.38 -0.06
CA TYR B 123 -15.16 2.46 0.89
C TYR B 123 -15.66 1.93 2.25
N SER B 124 -16.55 0.96 2.21
CA SER B 124 -17.13 0.42 3.42
C SER B 124 -16.09 -0.25 4.31
N PRO B 125 -15.30 -1.16 3.75
CA PRO B 125 -14.32 -1.75 4.66
C PRO B 125 -13.27 -0.79 5.25
N VAL B 126 -12.92 0.26 4.52
CA VAL B 126 -12.00 1.28 5.01
C VAL B 126 -12.66 2.03 6.19
N VAL B 127 -13.91 2.46 6.01
CA VAL B 127 -14.69 3.08 7.07
C VAL B 127 -14.75 2.12 8.24
N ALA B 128 -14.92 0.84 7.96
CA ALA B 128 -15.02 -0.12 9.09
C ALA B 128 -13.65 -0.26 9.76
N MET B 129 -12.56 -0.35 8.96
CA MET B 129 -11.21 -0.44 9.53
C MET B 129 -10.90 0.72 10.52
N ALA B 130 -11.35 1.93 10.20
CA ALA B 130 -11.22 3.13 11.07
C ALA B 130 -12.05 3.05 12.31
N GLY B 131 -12.94 2.05 12.40
CA GLY B 131 -13.92 1.98 13.49
C GLY B 131 -15.03 3.02 13.37
N ALA B 132 -15.23 3.55 12.16
CA ALA B 132 -16.27 4.53 11.89
C ALA B 132 -17.56 3.85 11.40
N HIS B 133 -18.64 4.61 11.31
CA HIS B 133 -19.90 4.04 10.88
C HIS B 133 -20.28 4.59 9.52
N ARG B 134 -20.51 3.68 8.59
CA ARG B 134 -21.02 3.97 7.27
C ARG B 134 -22.50 4.41 7.33
N VAL B 135 -22.83 5.51 6.66
CA VAL B 135 -24.25 5.91 6.45
C VAL B 135 -24.38 6.08 4.93
N THR B 136 -25.34 5.41 4.32
CA THR B 136 -25.34 5.35 2.86
C THR B 136 -26.54 6.13 2.37
N VAL B 137 -26.34 6.87 1.29
CA VAL B 137 -27.42 7.60 0.66
C VAL B 137 -27.44 7.20 -0.80
N PRO B 138 -28.54 6.55 -1.25
CA PRO B 138 -28.58 6.16 -2.65
C PRO B 138 -28.81 7.33 -3.64
N LEU B 139 -28.12 7.22 -4.77
CA LEU B 139 -28.54 7.88 -5.98
C LEU B 139 -29.94 7.45 -6.35
N VAL B 140 -30.60 8.25 -7.19
CA VAL B 140 -31.95 8.00 -7.69
C VAL B 140 -31.91 7.99 -9.21
N PRO B 141 -32.69 7.12 -9.85
CA PRO B 141 -32.82 7.12 -11.30
C PRO B 141 -33.27 8.47 -11.87
N ASP B 142 -32.83 8.75 -13.09
CA ASP B 142 -33.20 9.98 -13.77
C ASP B 142 -33.03 9.93 -15.30
N GLY B 143 -34.06 9.78 -16.13
CA GLY B 143 -34.81 8.57 -16.25
C GLY B 143 -33.90 7.44 -16.71
N ARG B 144 -33.11 7.62 -17.79
CA ARG B 144 -32.13 6.55 -18.18
C ARG B 144 -30.78 6.59 -17.45
N GLY B 145 -30.51 7.70 -16.74
CA GLY B 145 -29.34 7.84 -15.90
C GLY B 145 -29.69 7.93 -14.44
N PHE B 146 -28.85 8.65 -13.69
CA PHE B 146 -28.96 8.70 -12.25
C PHE B 146 -28.56 10.08 -11.76
N ALA B 147 -29.00 10.43 -10.56
CA ALA B 147 -28.86 11.77 -10.03
C ALA B 147 -28.67 11.67 -8.55
N LEU B 148 -28.05 12.70 -8.00
CA LEU B 148 -27.93 12.82 -6.55
C LEU B 148 -29.29 13.16 -6.03
N ASP B 149 -29.64 12.63 -4.87
CA ASP B 149 -30.77 13.17 -4.17
C ASP B 149 -30.21 14.06 -3.04
N ALA B 150 -30.17 15.36 -3.28
CA ALA B 150 -29.53 16.27 -2.32
C ALA B 150 -30.27 16.37 -0.98
N ASP B 151 -31.59 16.32 -1.01
CA ASP B 151 -32.41 16.38 0.20
C ASP B 151 -32.13 15.15 1.05
N ALA B 152 -31.99 14.00 0.37
CA ALA B 152 -31.71 12.72 1.07
C ALA B 152 -30.32 12.75 1.70
N LEU B 153 -29.33 13.33 1.00
CA LEU B 153 -28.00 13.50 1.57
C LEU B 153 -28.04 14.43 2.79
N ARG B 154 -28.79 15.52 2.68
CA ARG B 154 -28.83 16.47 3.76
C ARG B 154 -29.46 15.81 4.98
N ARG B 155 -30.58 15.12 4.78
CA ARG B 155 -31.27 14.42 5.88
C ARG B 155 -30.34 13.43 6.58
N ALA B 156 -29.42 12.82 5.83
CA ALA B 156 -28.50 11.79 6.35
C ALA B 156 -27.41 12.29 7.28
N VAL B 157 -27.09 13.58 7.17
CA VAL B 157 -26.06 14.20 8.02
C VAL B 157 -26.57 14.29 9.42
N THR B 158 -25.69 13.98 10.36
CA THR B 158 -26.02 14.05 11.79
C THR B 158 -24.83 14.75 12.42
N PRO B 159 -24.94 15.14 13.70
CA PRO B 159 -23.72 15.64 14.41
C PRO B 159 -22.56 14.67 14.46
N ARG B 160 -22.78 13.37 14.18
CA ARG B 160 -21.66 12.39 14.16
C ARG B 160 -20.95 12.30 12.84
N THR B 161 -21.55 12.89 11.80
CA THR B 161 -20.93 12.84 10.48
C THR B 161 -19.64 13.64 10.46
N ARG B 162 -18.54 12.99 10.07
CA ARG B 162 -17.27 13.62 9.95
C ARG B 162 -16.95 13.87 8.48
N ALA B 163 -17.33 12.94 7.61
CA ALA B 163 -16.81 12.90 6.25
C ALA B 163 -17.80 12.41 5.26
N LEU B 164 -17.57 12.74 4.00
CA LEU B 164 -18.41 12.29 2.93
C LEU B 164 -17.45 11.85 1.86
N ILE B 165 -17.73 10.73 1.22
CA ILE B 165 -16.91 10.31 0.11
C ILE B 165 -17.77 10.45 -1.14
N ILE B 166 -17.25 11.21 -2.08
CA ILE B 166 -17.93 11.46 -3.33
C ILE B 166 -17.06 10.83 -4.41
N ASN B 167 -17.70 10.12 -5.33
CA ASN B 167 -16.99 9.54 -6.45
C ASN B 167 -17.64 9.97 -7.76
N SER B 168 -16.99 10.87 -8.50
CA SER B 168 -17.47 11.30 -9.81
C SER B 168 -16.27 11.56 -10.73
N PRO B 169 -16.32 11.08 -12.00
CA PRO B 169 -17.34 10.18 -12.58
C PRO B 169 -17.47 8.88 -11.75
N HIS B 170 -18.71 8.38 -11.67
CA HIS B 170 -19.15 7.39 -10.67
C HIS B 170 -19.03 5.93 -11.12
N ASN B 171 -18.31 5.15 -10.32
CA ASN B 171 -18.31 3.70 -10.42
C ASN B 171 -19.26 3.18 -9.32
N PRO B 172 -20.29 2.43 -9.71
CA PRO B 172 -20.55 1.76 -11.01
C PRO B 172 -21.47 2.35 -12.08
N THR B 173 -22.18 3.45 -11.79
CA THR B 173 -23.30 3.83 -12.68
C THR B 173 -22.88 4.58 -13.92
N GLY B 174 -21.65 5.09 -13.91
CA GLY B 174 -21.18 5.97 -14.97
C GLY B 174 -21.78 7.38 -14.92
N ALA B 175 -22.42 7.73 -13.81
CA ALA B 175 -23.00 9.07 -13.62
C ALA B 175 -21.85 10.07 -13.54
N VAL B 176 -22.10 11.30 -14.00
CA VAL B 176 -21.14 12.40 -13.79
C VAL B 176 -21.92 13.47 -13.05
N LEU B 177 -21.53 13.75 -11.82
CA LEU B 177 -22.22 14.78 -11.04
C LEU B 177 -22.22 16.14 -11.76
N SER B 178 -23.41 16.71 -11.95
CA SER B 178 -23.56 18.07 -12.52
C SER B 178 -23.07 19.12 -11.54
N ALA B 179 -22.77 20.32 -12.05
CA ALA B 179 -22.37 21.43 -11.17
C ALA B 179 -23.43 21.71 -10.14
N THR B 180 -24.71 21.48 -10.50
CA THR B 180 -25.79 21.77 -9.59
C THR B 180 -25.69 20.80 -8.42
N GLU B 181 -25.46 19.53 -8.76
CA GLU B 181 -25.33 18.48 -7.73
C GLU B 181 -24.14 18.77 -6.85
N LEU B 182 -23.03 19.12 -7.51
CA LEU B 182 -21.81 19.46 -6.78
C LEU B 182 -21.97 20.65 -5.85
N ALA B 183 -22.67 21.68 -6.33
CA ALA B 183 -22.99 22.87 -5.54
C ALA B 183 -23.86 22.48 -4.32
N ALA B 184 -24.82 21.58 -4.54
CA ALA B 184 -25.65 21.11 -3.42
C ALA B 184 -24.82 20.33 -2.38
N ILE B 185 -23.95 19.42 -2.85
CA ILE B 185 -22.97 18.74 -1.96
C ILE B 185 -22.14 19.76 -1.20
N ALA B 186 -21.64 20.78 -1.89
CA ALA B 186 -20.79 21.76 -1.18
C ALA B 186 -21.54 22.47 -0.07
N GLU B 187 -22.77 22.89 -0.36
CA GLU B 187 -23.59 23.60 0.60
C GLU B 187 -23.76 22.73 1.87
N ILE B 188 -24.08 21.46 1.66
CA ILE B 188 -24.26 20.54 2.75
C ILE B 188 -22.93 20.35 3.52
N ALA B 189 -21.86 20.09 2.80
CA ALA B 189 -20.55 19.85 3.46
C ALA B 189 -20.13 21.07 4.27
N VAL B 190 -20.36 22.25 3.70
CA VAL B 190 -19.99 23.48 4.40
C VAL B 190 -20.87 23.67 5.63
N ALA B 191 -22.20 23.51 5.47
CA ALA B 191 -23.15 23.71 6.54
C ALA B 191 -22.88 22.75 7.69
N ALA B 192 -22.51 21.51 7.38
CA ALA B 192 -22.24 20.54 8.46
C ALA B 192 -20.76 20.51 8.86
N ASN B 193 -19.92 21.31 8.21
CA ASN B 193 -18.49 21.28 8.45
C ASN B 193 -17.92 19.87 8.32
N LEU B 194 -18.10 19.27 7.15
CA LEU B 194 -17.60 17.96 6.86
C LEU B 194 -16.27 18.10 6.15
N VAL B 195 -15.44 17.07 6.28
CA VAL B 195 -14.35 16.80 5.34
C VAL B 195 -14.93 16.00 4.20
N VAL B 196 -14.53 16.36 2.98
CA VAL B 196 -14.99 15.60 1.84
C VAL B 196 -13.83 14.97 1.12
N ILE B 197 -13.98 13.70 0.78
CA ILE B 197 -12.93 12.98 0.08
C ILE B 197 -13.57 12.70 -1.28
N THR B 198 -12.95 13.16 -2.35
CA THR B 198 -13.51 12.87 -3.65
C THR B 198 -12.64 11.84 -4.34
N ASP B 199 -13.27 10.99 -5.12
CA ASP B 199 -12.58 9.94 -5.81
C ASP B 199 -12.78 10.22 -7.30
N GLU B 200 -11.73 10.76 -7.90
CA GLU B 200 -11.81 11.32 -9.25
C GLU B 200 -10.98 10.52 -10.26
N VAL B 201 -10.76 9.24 -9.99
CA VAL B 201 -9.88 8.43 -10.86
C VAL B 201 -10.35 8.41 -12.35
N TYR B 202 -11.65 8.67 -12.59
CA TYR B 202 -12.18 8.77 -13.97
C TYR B 202 -12.25 10.20 -14.47
N GLU B 203 -11.43 11.11 -13.89
CA GLU B 203 -11.55 12.51 -14.28
C GLU B 203 -11.46 12.70 -15.80
N HIS B 204 -10.70 11.84 -16.48
CA HIS B 204 -10.44 12.03 -17.91
C HIS B 204 -11.55 11.46 -18.75
N LEU B 205 -12.49 10.77 -18.11
CA LEU B 205 -13.50 9.96 -18.87
C LEU B 205 -14.90 10.49 -18.63
N VAL B 206 -15.24 11.55 -19.35
CA VAL B 206 -16.59 12.09 -19.35
C VAL B 206 -17.02 12.15 -20.82
N PHE B 207 -18.29 11.81 -21.07
CA PHE B 207 -18.82 11.67 -22.43
C PHE B 207 -20.00 12.62 -22.61
N ASP B 208 -20.37 12.91 -23.87
CA ASP B 208 -21.64 13.57 -24.24
C ASP B 208 -21.88 14.90 -23.48
N HIS B 209 -20.93 15.82 -23.63
CA HIS B 209 -21.05 17.15 -22.97
C HIS B 209 -21.21 17.11 -21.42
N ALA B 210 -21.05 15.95 -20.80
CA ALA B 210 -20.77 15.95 -19.35
C ALA B 210 -19.35 16.53 -19.22
N ARG B 211 -19.06 17.11 -18.05
CA ARG B 211 -17.81 17.83 -17.81
C ARG B 211 -17.40 17.50 -16.41
N HIS B 212 -16.11 17.23 -16.19
CA HIS B 212 -15.64 16.92 -14.87
C HIS B 212 -15.31 18.20 -14.16
N LEU B 213 -15.95 18.48 -13.04
CA LEU B 213 -15.75 19.72 -12.31
C LEU B 213 -15.39 19.33 -10.89
N PRO B 214 -14.11 19.42 -10.53
CA PRO B 214 -13.68 18.94 -9.23
C PRO B 214 -14.42 19.64 -8.12
N LEU B 215 -14.86 18.87 -7.12
CA LEU B 215 -15.60 19.51 -6.04
C LEU B 215 -14.79 20.52 -5.27
N ALA B 216 -13.48 20.32 -5.22
CA ALA B 216 -12.63 21.22 -4.42
C ALA B 216 -12.74 22.66 -4.92
N GLY B 217 -13.19 22.83 -6.15
CA GLY B 217 -13.29 24.16 -6.74
C GLY B 217 -14.57 24.87 -6.36
N PHE B 218 -15.52 24.19 -5.71
CA PHE B 218 -16.79 24.84 -5.35
C PHE B 218 -16.66 25.65 -4.06
N ASP B 219 -17.52 26.64 -3.89
CA ASP B 219 -17.38 27.57 -2.78
C ASP B 219 -17.28 26.84 -1.45
N GLY B 220 -16.34 27.25 -0.62
CA GLY B 220 -16.16 26.63 0.68
C GLY B 220 -15.44 25.30 0.71
N MET B 221 -15.15 24.71 -0.46
CA MET B 221 -14.69 23.34 -0.53
C MET B 221 -13.18 23.19 -0.46
N ALA B 222 -12.41 24.18 -0.90
CA ALA B 222 -10.95 23.98 -1.00
C ALA B 222 -10.34 23.59 0.36
N GLU B 223 -10.82 24.26 1.41
CA GLU B 223 -10.29 24.11 2.77
C GLU B 223 -10.72 22.79 3.46
N ARG B 224 -11.60 22.04 2.82
CA ARG B 224 -12.14 20.85 3.48
C ARG B 224 -12.18 19.61 2.61
N THR B 225 -11.50 19.63 1.46
CA THR B 225 -11.58 18.53 0.50
C THR B 225 -10.24 17.84 0.35
N ILE B 226 -10.25 16.50 0.43
CA ILE B 226 -9.15 15.69 -0.04
C ILE B 226 -9.53 15.12 -1.40
N THR B 227 -8.79 15.52 -2.43
CA THR B 227 -9.14 15.17 -3.80
C THR B 227 -8.20 14.04 -4.20
N ILE B 228 -8.77 12.91 -4.64
CA ILE B 228 -7.96 11.76 -4.94
C ILE B 228 -8.14 11.36 -6.41
N SER B 229 -7.02 11.03 -7.05
CA SER B 229 -7.08 10.48 -8.41
C SER B 229 -5.84 9.59 -8.56
N SER B 230 -5.53 9.24 -9.79
CA SER B 230 -4.60 8.18 -10.01
C SER B 230 -4.18 8.14 -11.48
N ALA B 231 -3.01 7.59 -11.70
CA ALA B 231 -2.59 7.27 -13.05
C ALA B 231 -3.30 6.01 -13.58
N ALA B 232 -3.93 5.24 -12.68
CA ALA B 232 -4.43 3.90 -12.99
C ALA B 232 -5.20 3.82 -14.31
N MET B 234 -6.40 6.81 -16.07
CA MET B 234 -5.94 7.90 -16.89
C MET B 234 -4.87 7.46 -17.89
N PHE B 235 -3.89 6.69 -17.41
CA PHE B 235 -2.84 6.17 -18.28
C PHE B 235 -2.75 4.65 -18.42
N ASN B 236 -3.86 3.96 -18.15
CA ASN B 236 -3.91 2.51 -18.33
C ASN B 236 -2.73 1.77 -17.67
N CYS B 237 -2.50 2.06 -16.39
CA CYS B 237 -1.42 1.38 -15.68
C CYS B 237 -1.91 1.02 -14.29
N THR B 238 -2.96 0.19 -14.24
CA THR B 238 -3.65 -0.05 -12.95
C THR B 238 -2.73 -0.82 -12.02
N GLY B 239 -1.88 -1.64 -12.63
CA GLY B 239 -0.89 -2.34 -11.82
C GLY B 239 0.30 -1.55 -11.34
N TRP B 240 0.41 -0.27 -11.69
CA TRP B 240 1.54 0.55 -11.19
C TRP B 240 1.30 1.26 -9.85
N LYS B 241 0.02 1.53 -9.54
CA LYS B 241 -0.41 2.10 -8.24
C LYS B 241 0.30 3.40 -7.94
N ILE B 242 0.22 4.31 -8.90
CA ILE B 242 0.66 5.67 -8.65
C ILE B 242 -0.62 6.51 -8.54
N GLY B 243 -1.06 6.79 -7.32
CA GLY B 243 -2.20 7.68 -7.13
C GLY B 243 -1.74 8.85 -6.29
N TRP B 244 -2.68 9.76 -5.99
CA TRP B 244 -2.36 10.95 -5.21
C TRP B 244 -3.57 11.55 -4.53
N ALA B 245 -3.32 12.21 -3.39
CA ALA B 245 -4.32 12.98 -2.71
C ALA B 245 -3.80 14.39 -2.73
N CYS B 246 -4.72 15.35 -2.93
CA CYS B 246 -4.40 16.77 -2.96
C CYS B 246 -5.37 17.52 -2.04
N GLY B 247 -4.86 18.46 -1.27
CA GLY B 247 -5.77 19.27 -0.47
C GLY B 247 -4.95 20.11 0.47
N PRO B 248 -5.60 20.72 1.44
CA PRO B 248 -5.01 21.63 2.41
C PRO B 248 -3.90 20.89 3.19
N ALA B 249 -2.81 21.59 3.48
CA ALA B 249 -1.66 20.92 4.08
C ALA B 249 -2.04 20.13 5.34
N GLU B 250 -2.90 20.71 6.16
CA GLU B 250 -3.27 20.01 7.41
C GLU B 250 -3.97 18.64 7.14
N LEU B 251 -4.82 18.59 6.14
CA LEU B 251 -5.54 17.35 5.87
C LEU B 251 -4.61 16.36 5.19
N ILE B 252 -3.74 16.85 4.32
CA ILE B 252 -2.76 16.01 3.67
C ILE B 252 -1.80 15.39 4.67
N ALA B 253 -1.51 16.14 5.73
CA ALA B 253 -0.69 15.62 6.81
C ALA B 253 -1.38 14.44 7.53
N GLY B 254 -2.69 14.49 7.77
CA GLY B 254 -3.39 13.37 8.41
C GLY B 254 -3.38 12.16 7.46
N VAL B 255 -3.59 12.40 6.16
CA VAL B 255 -3.49 11.33 5.18
C VAL B 255 -2.10 10.73 5.23
N ARG B 256 -1.06 11.57 5.18
CA ARG B 256 0.33 11.05 5.21
C ARG B 256 0.64 10.30 6.50
N ALA B 257 0.06 10.77 7.62
CA ALA B 257 0.26 10.16 8.90
C ALA B 257 -0.13 8.69 8.91
N ALA B 258 -1.22 8.33 8.23
CA ALA B 258 -1.60 6.92 8.16
C ALA B 258 -0.83 6.21 7.05
N LYS B 259 -0.84 6.81 5.87
CA LYS B 259 -0.25 6.22 4.64
C LYS B 259 1.17 5.76 4.83
N GLN B 260 1.93 6.56 5.59
CA GLN B 260 3.37 6.27 5.63
C GLN B 260 3.65 4.98 6.39
N TYR B 261 2.66 4.48 7.12
CA TYR B 261 2.77 3.19 7.81
C TYR B 261 2.00 2.00 7.20
N LEU B 262 1.36 2.26 6.07
CA LEU B 262 0.58 1.25 5.33
C LEU B 262 1.47 0.67 4.28
N SER B 263 2.03 1.54 3.47
CA SER B 263 3.08 1.16 2.50
C SER B 263 4.45 1.85 2.73
N TYR B 264 4.43 2.94 3.49
CA TYR B 264 5.47 3.99 3.40
C TYR B 264 5.47 4.67 2.02
N VAL B 265 6.02 4.03 1.00
CA VAL B 265 6.04 4.60 -0.34
C VAL B 265 5.92 3.45 -1.36
N GLY B 266 5.87 3.71 -2.66
CA GLY B 266 5.95 2.60 -3.60
C GLY B 266 6.11 3.09 -5.02
N GLY B 267 6.36 2.17 -5.95
CA GLY B 267 6.31 2.50 -7.34
C GLY B 267 7.45 3.38 -7.82
N ALA B 268 8.68 3.13 -7.36
CA ALA B 268 9.76 4.10 -7.58
C ALA B 268 10.00 4.43 -9.05
N PRO B 269 10.17 3.41 -9.92
CA PRO B 269 10.50 3.75 -11.30
C PRO B 269 9.32 4.27 -12.10
N PHE B 270 8.12 4.07 -11.58
CA PHE B 270 6.94 4.58 -12.25
C PHE B 270 6.75 6.08 -11.97
N GLN B 271 7.29 6.60 -10.89
CA GLN B 271 7.00 8.00 -10.54
C GLN B 271 7.54 9.01 -11.60
N PRO B 272 8.82 8.87 -12.04
CA PRO B 272 9.22 9.74 -13.14
C PRO B 272 8.44 9.47 -14.43
N ALA B 273 8.07 8.21 -14.69
CA ALA B 273 7.30 7.93 -15.90
C ALA B 273 5.91 8.55 -15.87
N VAL B 274 5.27 8.56 -14.70
CA VAL B 274 3.93 9.14 -14.57
C VAL B 274 4.02 10.65 -14.59
N ALA B 275 5.05 11.22 -13.97
CA ALA B 275 5.27 12.65 -14.06
C ALA B 275 5.39 13.07 -15.53
N LEU B 276 6.11 12.28 -16.32
CA LEU B 276 6.28 12.61 -17.75
C LEU B 276 4.92 12.58 -18.45
N ALA B 277 4.15 11.54 -18.14
CA ALA B 277 2.82 11.32 -18.76
C ALA B 277 1.89 12.50 -18.43
N LEU B 278 1.90 12.91 -17.18
CA LEU B 278 1.06 13.99 -16.73
C LEU B 278 1.41 15.28 -17.43
N ASP B 279 2.73 15.53 -17.59
CA ASP B 279 3.21 16.74 -18.25
C ASP B 279 2.95 16.77 -19.71
N THR B 280 2.98 15.61 -20.35
CA THR B 280 3.09 15.59 -21.80
C THR B 280 2.03 14.86 -22.55
N GLU B 281 1.18 14.05 -21.87
CA GLU B 281 0.36 13.11 -22.65
C GLU B 281 -1.15 13.40 -22.71
N ASP B 282 -1.54 14.67 -22.52
CA ASP B 282 -2.90 15.12 -22.64
C ASP B 282 -3.56 14.66 -23.92
N ALA B 283 -2.85 14.78 -25.04
CA ALA B 283 -3.45 14.39 -26.35
C ALA B 283 -3.72 12.88 -26.39
N TRP B 284 -2.84 12.08 -25.82
CA TRP B 284 -3.04 10.62 -25.75
C TRP B 284 -4.29 10.29 -24.90
N VAL B 285 -4.43 10.99 -23.78
CA VAL B 285 -5.55 10.86 -22.89
C VAL B 285 -6.87 11.21 -23.57
N ALA B 286 -6.89 12.28 -24.34
CA ALA B 286 -8.08 12.66 -25.09
C ALA B 286 -8.40 11.58 -26.15
N ALA B 287 -7.39 11.03 -26.81
CA ALA B 287 -7.67 9.95 -27.75
C ALA B 287 -8.21 8.69 -27.01
N LEU B 288 -7.66 8.34 -25.84
CA LEU B 288 -8.25 7.30 -24.97
C LEU B 288 -9.75 7.52 -24.66
N ARG B 289 -10.08 8.70 -24.15
CA ARG B 289 -11.44 9.04 -23.89
C ARG B 289 -12.32 8.82 -25.13
N ASN B 290 -11.91 9.36 -26.26
CA ASN B 290 -12.63 9.12 -27.51
C ASN B 290 -12.81 7.67 -27.89
N SER B 291 -11.76 6.91 -27.71
CA SER B 291 -11.80 5.50 -28.04
C SER B 291 -12.80 4.78 -27.12
N LEU B 292 -12.81 5.17 -25.85
CA LEU B 292 -13.75 4.59 -24.89
C LEU B 292 -15.20 5.04 -25.10
N ARG B 293 -15.42 6.28 -25.53
CA ARG B 293 -16.78 6.69 -25.86
C ARG B 293 -17.31 5.80 -26.99
N ALA B 294 -16.49 5.52 -27.98
CA ALA B 294 -16.95 4.69 -29.08
C ALA B 294 -17.25 3.24 -28.59
N ARG B 295 -16.42 2.72 -27.68
CA ARG B 295 -16.57 1.37 -27.14
C ARG B 295 -17.80 1.28 -26.23
N ARG B 296 -18.04 2.33 -25.45
CA ARG B 296 -19.31 2.47 -24.73
C ARG B 296 -20.48 2.29 -25.68
N ASP B 297 -20.48 3.07 -26.77
CA ASP B 297 -21.57 3.04 -27.72
C ASP B 297 -21.72 1.66 -28.35
N ARG B 298 -20.57 1.06 -28.65
CA ARG B 298 -20.48 -0.26 -29.26
C ARG B 298 -21.13 -1.29 -28.34
N LEU B 299 -20.81 -1.29 -27.04
CA LEU B 299 -21.39 -2.27 -26.10
C LEU B 299 -22.88 -2.03 -25.85
N ALA B 300 -23.22 -0.77 -25.63
CA ALA B 300 -24.61 -0.35 -25.41
C ALA B 300 -25.48 -0.76 -26.57
N ALA B 301 -24.99 -0.60 -27.80
CA ALA B 301 -25.79 -0.90 -28.97
C ALA B 301 -26.01 -2.39 -29.04
N GLY B 302 -24.97 -3.14 -28.67
CA GLY B 302 -25.07 -4.58 -28.68
C GLY B 302 -25.99 -5.15 -27.62
N LEU B 303 -25.88 -4.63 -26.39
CA LEU B 303 -26.75 -5.07 -25.31
C LEU B 303 -28.20 -4.76 -25.65
N THR B 304 -28.41 -3.57 -26.20
CA THR B 304 -29.73 -3.10 -26.62
C THR B 304 -30.35 -4.00 -27.69
N GLU B 305 -29.57 -4.33 -28.71
CA GLU B 305 -30.07 -5.23 -29.76
C GLU B 305 -30.43 -6.60 -29.19
N ILE B 306 -29.63 -7.09 -28.22
CA ILE B 306 -29.96 -8.36 -27.54
C ILE B 306 -31.31 -8.24 -26.78
N GLY B 307 -31.55 -7.12 -26.10
CA GLY B 307 -32.81 -6.85 -25.43
C GLY B 307 -32.62 -6.38 -23.99
N PHE B 308 -31.38 -6.12 -23.61
CA PHE B 308 -31.17 -5.52 -22.31
C PHE B 308 -31.73 -4.12 -22.41
N ALA B 309 -32.17 -3.61 -21.26
CA ALA B 309 -32.46 -2.21 -21.12
C ALA B 309 -31.21 -1.55 -20.54
N VAL B 310 -30.58 -0.70 -21.36
CA VAL B 310 -29.30 -0.13 -21.07
C VAL B 310 -29.49 1.28 -20.53
N HIS B 311 -28.81 1.58 -19.43
CA HIS B 311 -28.88 2.91 -18.84
C HIS B 311 -27.78 3.78 -19.41
N ASP B 312 -27.98 5.09 -19.37
CA ASP B 312 -27.00 6.00 -19.94
C ASP B 312 -25.78 5.92 -19.09
N SER B 313 -24.62 6.09 -19.72
CA SER B 313 -23.40 6.27 -18.95
C SER B 313 -22.70 7.52 -19.44
N TYR B 314 -22.37 8.44 -18.53
CA TYR B 314 -21.73 9.69 -18.91
C TYR B 314 -20.23 9.72 -18.67
N GLY B 315 -19.70 8.67 -18.11
CA GLY B 315 -18.24 8.66 -17.82
C GLY B 315 -17.83 7.35 -17.21
N THR B 316 -16.55 7.22 -16.83
CA THR B 316 -15.93 5.94 -16.43
C THR B 316 -15.93 4.99 -17.60
N TYR B 317 -15.42 3.79 -17.37
CA TYR B 317 -15.45 2.84 -18.45
C TYR B 317 -16.44 1.71 -18.15
N PHE B 318 -17.47 2.08 -17.39
CA PHE B 318 -18.57 1.15 -17.10
C PHE B 318 -19.91 1.64 -17.53
N LEU B 319 -20.82 0.71 -17.78
CA LEU B 319 -22.21 1.08 -17.96
C LEU B 319 -23.07 0.03 -17.25
N CYS B 320 -24.31 0.40 -16.92
CA CYS B 320 -25.19 -0.54 -16.24
C CYS B 320 -26.32 -0.91 -17.18
N ALA B 321 -26.70 -2.20 -17.14
CA ALA B 321 -27.77 -2.67 -17.95
C ALA B 321 -28.71 -3.57 -17.15
N ASP B 322 -29.97 -3.58 -17.57
CA ASP B 322 -31.05 -4.33 -16.91
C ASP B 322 -31.50 -5.50 -17.80
N PRO B 323 -31.32 -6.75 -17.32
CA PRO B 323 -31.70 -7.98 -18.05
C PRO B 323 -33.15 -8.40 -17.81
N ARG B 324 -33.91 -7.61 -17.05
CA ARG B 324 -35.36 -7.94 -16.87
C ARG B 324 -36.13 -8.17 -18.16
N PRO B 325 -35.93 -7.33 -19.20
CA PRO B 325 -36.61 -7.60 -20.49
C PRO B 325 -36.25 -8.93 -21.13
N LEU B 326 -35.17 -9.54 -20.68
CA LEU B 326 -34.74 -10.85 -21.18
C LEU B 326 -35.36 -12.00 -20.38
N GLY B 327 -35.90 -11.68 -19.21
CA GLY B 327 -36.55 -12.66 -18.35
C GLY B 327 -35.74 -12.96 -17.10
N TYR B 328 -34.69 -12.18 -16.85
CA TYR B 328 -33.82 -12.43 -15.71
C TYR B 328 -34.05 -11.40 -14.59
N ASP B 329 -34.72 -11.88 -13.56
CA ASP B 329 -35.19 -11.03 -12.47
C ASP B 329 -34.28 -11.02 -11.24
N ASP B 330 -33.31 -11.95 -11.18
CA ASP B 330 -32.32 -12.01 -10.08
C ASP B 330 -30.94 -11.75 -10.68
N SER B 331 -30.40 -10.56 -10.49
CA SER B 331 -29.17 -10.22 -11.17
C SER B 331 -27.88 -10.73 -10.50
N THR B 332 -27.94 -11.01 -9.20
CA THR B 332 -26.81 -11.67 -8.56
C THR B 332 -26.73 -13.13 -9.07
N GLU B 333 -27.89 -13.78 -9.20
CA GLU B 333 -27.92 -15.14 -9.72
C GLU B 333 -27.61 -15.15 -11.23
N PHE B 334 -28.14 -14.15 -11.95
CA PHE B 334 -27.78 -13.89 -13.36
C PHE B 334 -26.27 -13.90 -13.56
N CYS B 335 -25.58 -13.06 -12.81
CA CYS B 335 -24.13 -12.95 -12.95
C CYS B 335 -23.40 -14.19 -12.44
N ALA B 336 -23.94 -14.84 -11.40
CA ALA B 336 -23.32 -16.03 -10.87
C ALA B 336 -23.31 -17.10 -11.97
N ALA B 337 -24.46 -17.29 -12.60
CA ALA B 337 -24.65 -18.28 -13.63
C ALA B 337 -24.04 -17.92 -14.99
N LEU B 338 -23.75 -16.63 -15.18
CA LEU B 338 -23.37 -16.08 -16.49
C LEU B 338 -22.14 -16.75 -17.14
N PRO B 339 -21.00 -16.82 -16.40
CA PRO B 339 -19.84 -17.46 -17.05
C PRO B 339 -20.06 -18.90 -17.56
N GLU B 340 -20.64 -19.77 -16.74
CA GLU B 340 -20.87 -21.16 -17.15
C GLU B 340 -22.00 -21.29 -18.20
N LYS B 341 -23.05 -20.46 -18.10
CA LYS B 341 -24.16 -20.54 -19.05
C LYS B 341 -23.79 -19.96 -20.42
N VAL B 342 -23.11 -18.81 -20.39
CA VAL B 342 -23.01 -17.94 -21.54
C VAL B 342 -21.55 -17.67 -21.94
N GLY B 343 -20.64 -17.73 -20.97
CA GLY B 343 -19.22 -17.51 -21.23
C GLY B 343 -18.85 -16.03 -21.21
N VAL B 344 -19.58 -15.25 -20.42
CA VAL B 344 -19.26 -13.85 -20.13
C VAL B 344 -19.41 -13.62 -18.62
N ALA B 345 -18.58 -12.76 -18.09
CA ALA B 345 -18.73 -12.35 -16.71
C ALA B 345 -19.03 -10.85 -16.64
N ALA B 346 -19.90 -10.51 -15.69
CA ALA B 346 -20.17 -9.10 -15.35
C ALA B 346 -20.36 -9.03 -13.83
N ILE B 347 -20.56 -7.84 -13.28
CA ILE B 347 -20.71 -7.66 -11.81
C ILE B 347 -22.16 -7.24 -11.45
N PRO B 348 -22.82 -7.95 -10.51
CA PRO B 348 -24.18 -7.54 -10.17
C PRO B 348 -24.11 -6.30 -9.31
N MET B 349 -25.17 -5.50 -9.40
CA MET B 349 -25.18 -4.17 -8.78
C MET B 349 -25.20 -4.39 -7.25
N SER B 350 -25.69 -5.56 -6.84
CA SER B 350 -25.70 -5.97 -5.43
C SER B 350 -24.31 -5.87 -4.81
N ALA B 351 -23.27 -6.05 -5.62
CA ALA B 351 -21.88 -5.91 -5.17
C ALA B 351 -21.52 -4.53 -4.68
N PHE B 352 -22.34 -3.52 -5.02
CA PHE B 352 -22.00 -2.11 -4.74
C PHE B 352 -23.00 -1.47 -3.78
N CYS B 353 -23.87 -2.30 -3.20
CA CYS B 353 -25.01 -1.85 -2.42
C CYS B 353 -24.95 -2.37 -0.97
N ASP B 354 -25.50 -1.57 -0.07
CA ASP B 354 -25.65 -1.90 1.35
C ASP B 354 -26.69 -3.02 1.43
N PRO B 355 -26.31 -4.14 2.07
CA PRO B 355 -27.23 -5.23 2.39
C PRO B 355 -28.25 -4.73 3.44
N ALA B 356 -29.54 -4.76 3.09
CA ALA B 356 -30.59 -3.99 3.80
C ALA B 356 -30.10 -2.70 4.44
N ASP B 365 -33.81 -1.21 -5.78
CA ASP B 365 -34.97 -0.37 -6.09
C ASP B 365 -35.26 -0.37 -7.58
N VAL B 366 -34.89 -1.47 -8.24
CA VAL B 366 -34.38 -1.45 -9.62
C VAL B 366 -32.84 -1.59 -9.57
N TRP B 367 -32.19 -1.04 -8.51
CA TRP B 367 -30.77 -1.30 -8.22
C TRP B 367 -30.41 -2.78 -8.22
N ASN B 368 -31.20 -3.60 -7.53
CA ASN B 368 -30.84 -5.01 -7.40
C ASN B 368 -30.85 -5.74 -8.75
N HIS B 369 -31.51 -5.13 -9.74
CA HIS B 369 -31.62 -5.73 -11.09
C HIS B 369 -30.46 -5.35 -12.01
N LEU B 370 -29.75 -4.29 -11.67
CA LEU B 370 -28.73 -3.79 -12.61
C LEU B 370 -27.49 -4.66 -12.64
N VAL B 371 -26.84 -4.69 -13.79
CA VAL B 371 -25.53 -5.35 -13.97
C VAL B 371 -24.52 -4.34 -14.50
N ARG B 372 -23.32 -4.32 -13.93
CA ARG B 372 -22.27 -3.43 -14.44
C ARG B 372 -21.41 -4.16 -15.46
N PHE B 373 -21.28 -3.56 -16.64
CA PHE B 373 -20.41 -4.06 -17.70
C PHE B 373 -19.29 -3.08 -17.94
N THR B 374 -18.14 -3.64 -18.26
CA THR B 374 -16.94 -2.88 -18.48
C THR B 374 -16.78 -2.81 -20.00
N PHE B 375 -16.41 -1.64 -20.51
CA PHE B 375 -16.15 -1.53 -21.94
C PHE B 375 -14.71 -1.07 -22.27
N CYS B 376 -13.81 -1.06 -21.29
CA CYS B 376 -12.40 -0.82 -21.62
C CYS B 376 -11.74 -2.12 -22.06
N LYS B 377 -12.31 -2.78 -23.07
CA LYS B 377 -11.79 -4.05 -23.62
C LYS B 377 -11.54 -3.72 -25.05
N ARG B 378 -10.72 -4.51 -25.73
CA ARG B 378 -10.60 -4.39 -27.18
C ARG B 378 -11.97 -4.49 -27.83
N ASP B 379 -12.12 -3.79 -28.95
CA ASP B 379 -13.22 -3.94 -29.88
C ASP B 379 -13.71 -5.40 -30.01
N ASP B 380 -12.83 -6.27 -30.48
CA ASP B 380 -13.18 -7.65 -30.78
C ASP B 380 -13.74 -8.41 -29.57
N THR B 381 -13.21 -8.08 -28.39
CA THR B 381 -13.61 -8.76 -27.16
C THR B 381 -15.04 -8.34 -26.78
N LEU B 382 -15.31 -7.05 -26.97
CA LEU B 382 -16.65 -6.48 -26.79
C LEU B 382 -17.63 -7.16 -27.72
N ASP B 383 -17.27 -7.22 -28.98
CA ASP B 383 -18.07 -7.91 -29.97
C ASP B 383 -18.33 -9.38 -29.60
N GLU B 384 -17.29 -10.06 -29.10
CA GLU B 384 -17.40 -11.49 -28.76
C GLU B 384 -18.33 -11.68 -27.55
N ALA B 385 -18.14 -10.84 -26.55
CA ALA B 385 -19.03 -10.73 -25.43
C ALA B 385 -20.47 -10.59 -25.93
N ILE B 386 -20.70 -9.65 -26.86
CA ILE B 386 -22.06 -9.45 -27.38
C ILE B 386 -22.62 -10.71 -28.04
N ARG B 387 -21.80 -11.35 -28.88
CA ARG B 387 -22.22 -12.56 -29.54
C ARG B 387 -22.59 -13.65 -28.53
N ARG B 388 -21.75 -13.82 -27.51
CA ARG B 388 -22.03 -14.81 -26.44
C ARG B 388 -23.32 -14.50 -25.69
N LEU B 389 -23.45 -13.25 -25.26
CA LEU B 389 -24.64 -12.77 -24.58
C LEU B 389 -25.91 -12.91 -25.40
N SER B 390 -25.78 -12.88 -26.72
CA SER B 390 -26.97 -12.92 -27.59
C SER B 390 -27.82 -14.18 -27.43
N VAL B 391 -27.27 -15.22 -26.82
CA VAL B 391 -28.02 -16.46 -26.61
C VAL B 391 -29.16 -16.27 -25.60
N LEU B 392 -29.04 -15.22 -24.77
CA LEU B 392 -30.11 -14.82 -23.84
C LEU B 392 -31.44 -14.34 -24.47
N ALA B 393 -31.40 -13.99 -25.77
CA ALA B 393 -32.55 -13.37 -26.44
C ALA B 393 -33.64 -14.37 -26.79
#